data_2PWD
#
_entry.id   2PWD
#
_cell.length_a   63.400
_cell.length_b   72.000
_cell.length_c   82.000
_cell.angle_alpha   67.20
_cell.angle_beta   73.40
_cell.angle_gamma   70.90
#
_symmetry.space_group_name_H-M   'P 1'
#
loop_
_entity.id
_entity.type
_entity.pdbx_description
1 polymer 'Sucrose isomerase'
2 non-polymer 'CALCIUM ION'
3 non-polymer 1-DEOXYNOJIRIMYCIN
4 water water
#
_entity_poly.entity_id   1
_entity_poly.type   'polypeptide(L)'
_entity_poly.pdbx_seq_one_letter_code
;KPGAPWWKSAVFYQVYPRSFKDTNGDGIGDFKGLTEKLDYLKGLGIDAIWINPHYASPNTDNGYDISDYREVMKEYGTME
DFDRLMAELKKRGMRLMVDVVINHSSDQHEWFKSSRASKDNPYRDYYFWRDGKDGHEPNNYPSFFGGSAWEKDPVTGQYY
LHYFGRQQPDLNWDTPKLREELYAMLRFWLDKGVSGMRFDTVATYSKTPGFPDLTPEQMKNFAEAYTQGPNLHRYLQEMH
EKVFDHYDAVTAGEIFGAPLNQVPLFIDSRRKELDMAFTFDLIRYDRALDRWHTIPRTLADFRQTIDKVDAIAGEYGWNT
FFLGNHDNPRAVSHFGDDRPQWREASAKALATVTLTQRGTPFIFQGDELGMTNYPFKTLQDFDDIEVKGFFQDYVETGKA
TAEELLTNVALTSRDNARTPFQWDDSANAGFTTGKPWLKVNPNYTEINAAREIGDPKSVYSFYRNLISIRHETPALSTGS
YRDIDPSNADVYAYTRSQDGETYLVVVNFKAEPRSFTLPDGMHIAETLIESSSPAAPAAGAASLELQPWQSGIYKVK
;
_entity_poly.pdbx_strand_id   A,B
#
loop_
_chem_comp.id
_chem_comp.type
_chem_comp.name
_chem_comp.formula
CA non-polymer 'CALCIUM ION' 'Ca 2'
NOJ non-polymer 1-DEOXYNOJIRIMYCIN 'C6 H13 N O4'
#
# COMPACT_ATOMS: atom_id res chain seq x y z
N LYS A 1 4.35 -10.14 62.22
CA LYS A 1 5.19 -10.44 61.02
C LYS A 1 4.94 -11.85 60.52
N PRO A 2 5.11 -12.10 59.22
CA PRO A 2 5.51 -11.12 58.20
C PRO A 2 4.59 -9.91 58.18
N GLY A 3 5.16 -8.74 57.89
CA GLY A 3 4.36 -7.53 57.82
C GLY A 3 3.77 -7.41 56.42
N ALA A 4 2.80 -6.53 56.22
CA ALA A 4 2.22 -6.39 54.90
C ALA A 4 3.07 -5.38 54.11
N PRO A 5 3.16 -5.55 52.79
CA PRO A 5 3.93 -4.63 51.96
C PRO A 5 3.36 -3.24 52.14
N TRP A 6 4.21 -2.24 51.94
CA TRP A 6 3.78 -0.85 52.08
C TRP A 6 2.58 -0.54 51.22
N TRP A 7 2.50 -1.15 50.04
CA TRP A 7 1.38 -0.85 49.15
C TRP A 7 0.04 -1.36 49.62
N LYS A 8 0.02 -2.38 50.48
CA LYS A 8 -1.27 -2.86 50.96
C LYS A 8 -1.89 -1.91 52.00
N SER A 9 -1.09 -1.12 52.69
N SER A 9 -1.06 -1.14 52.68
CA SER A 9 -1.66 -0.21 53.68
CA SER A 9 -1.54 -0.21 53.71
C SER A 9 -1.68 1.24 53.22
C SER A 9 -1.52 1.25 53.28
N ALA A 10 -1.13 1.48 52.03
CA ALA A 10 -1.06 2.84 51.50
C ALA A 10 -2.37 3.39 50.95
N VAL A 11 -2.49 4.71 50.91
CA VAL A 11 -3.66 5.36 50.31
C VAL A 11 -3.05 6.08 49.13
N PHE A 12 -3.52 5.76 47.93
CA PHE A 12 -3.00 6.36 46.71
C PHE A 12 -3.92 7.46 46.25
N TYR A 13 -3.34 8.40 45.52
CA TYR A 13 -4.09 9.50 44.95
C TYR A 13 -3.76 9.51 43.45
N GLN A 14 -4.78 9.52 42.60
CA GLN A 14 -4.53 9.53 41.18
C GLN A 14 -4.55 10.96 40.64
N VAL A 15 -3.47 11.35 39.99
CA VAL A 15 -3.35 12.68 39.40
C VAL A 15 -3.37 12.55 37.90
N TYR A 16 -4.28 13.30 37.26
CA TYR A 16 -4.41 13.35 35.81
C TYR A 16 -3.71 14.68 35.58
N PRO A 17 -2.38 14.65 35.32
CA PRO A 17 -1.59 15.87 35.13
C PRO A 17 -2.19 16.99 34.28
N ARG A 18 -2.70 16.62 33.12
CA ARG A 18 -3.31 17.55 32.19
C ARG A 18 -4.35 18.44 32.87
N SER A 19 -5.02 17.91 33.89
CA SER A 19 -6.05 18.68 34.56
C SER A 19 -5.84 18.95 36.03
N PHE A 20 -4.60 18.85 36.49
CA PHE A 20 -4.37 19.09 37.90
C PHE A 20 -3.97 20.53 38.19
N LYS A 21 -2.83 20.97 37.68
CA LYS A 21 -2.38 22.36 37.93
C LYS A 21 -1.45 22.86 36.83
N ASP A 22 -1.87 23.94 36.16
CA ASP A 22 -1.10 24.54 35.08
C ASP A 22 -0.26 25.68 35.67
N THR A 23 1.00 25.78 35.24
CA THR A 23 1.86 26.84 35.77
C THR A 23 2.40 27.78 34.71
N ASN A 24 2.01 27.59 33.45
CA ASN A 24 2.52 28.47 32.42
C ASN A 24 1.43 29.07 31.52
N GLY A 25 0.18 29.01 32.00
CA GLY A 25 -0.92 29.59 31.25
C GLY A 25 -1.32 29.02 29.91
N ASP A 26 -0.84 27.84 29.54
CA ASP A 26 -1.25 27.29 28.26
C ASP A 26 -2.55 26.50 28.43
N GLY A 27 -3.08 26.49 29.64
CA GLY A 27 -4.33 25.78 29.92
C GLY A 27 -4.21 24.28 30.14
N ILE A 28 -2.97 23.80 30.20
CA ILE A 28 -2.73 22.38 30.41
C ILE A 28 -1.87 22.18 31.67
N GLY A 29 -2.31 21.26 32.54
CA GLY A 29 -1.58 20.98 33.75
C GLY A 29 -0.20 20.48 33.42
N ASP A 30 0.73 20.59 34.36
CA ASP A 30 2.08 20.17 34.07
C ASP A 30 2.80 19.68 35.31
N PHE A 31 4.03 19.21 35.14
CA PHE A 31 4.81 18.70 36.26
C PHE A 31 5.09 19.76 37.31
N LYS A 32 5.46 20.96 36.90
CA LYS A 32 5.72 21.99 37.89
C LYS A 32 4.47 22.23 38.73
N GLY A 33 3.30 22.16 38.10
CA GLY A 33 2.07 22.36 38.85
C GLY A 33 1.88 21.26 39.88
N LEU A 34 2.10 20.01 39.50
CA LEU A 34 1.93 18.92 40.45
C LEU A 34 2.95 19.04 41.60
N THR A 35 4.18 19.39 41.25
CA THR A 35 5.24 19.51 42.24
C THR A 35 4.89 20.60 43.27
N GLU A 36 4.35 21.71 42.78
CA GLU A 36 3.97 22.82 43.65
C GLU A 36 2.84 22.44 44.61
N LYS A 37 2.12 21.37 44.30
CA LYS A 37 1.00 20.91 45.11
C LYS A 37 1.23 19.67 45.97
N LEU A 38 2.49 19.26 46.11
CA LEU A 38 2.79 18.08 46.91
C LEU A 38 2.45 18.27 48.38
N ASP A 39 2.62 19.48 48.91
CA ASP A 39 2.28 19.72 50.31
C ASP A 39 0.79 19.54 50.54
N TYR A 40 0.01 19.88 49.53
CA TYR A 40 -1.44 19.72 49.59
C TYR A 40 -1.74 18.24 49.73
N LEU A 41 -1.15 17.42 48.87
CA LEU A 41 -1.38 15.97 48.93
C LEU A 41 -0.83 15.36 50.19
N LYS A 42 0.37 15.79 50.61
CA LYS A 42 0.94 15.27 51.84
C LYS A 42 0.03 15.60 53.02
N GLY A 43 -0.51 16.82 53.04
CA GLY A 43 -1.39 17.22 54.12
C GLY A 43 -2.69 16.40 54.17
N LEU A 44 -3.17 16.00 53.00
CA LEU A 44 -4.37 15.19 52.91
C LEU A 44 -4.07 13.81 53.49
N GLY A 45 -2.81 13.41 53.46
CA GLY A 45 -2.42 12.12 54.02
C GLY A 45 -2.06 11.08 52.98
N ILE A 46 -1.90 11.51 51.73
CA ILE A 46 -1.57 10.60 50.63
C ILE A 46 -0.18 9.99 50.76
N ASP A 47 -0.09 8.68 50.55
CA ASP A 47 1.18 7.94 50.66
C ASP A 47 1.85 7.81 49.30
N ALA A 48 1.04 7.72 48.25
CA ALA A 48 1.61 7.54 46.94
C ALA A 48 0.70 8.12 45.89
N ILE A 49 1.30 8.58 44.80
N ILE A 49 1.30 8.58 44.80
CA ILE A 49 0.57 9.18 43.69
CA ILE A 49 0.57 9.18 43.69
C ILE A 49 0.72 8.34 42.44
C ILE A 49 0.73 8.34 42.44
N TRP A 50 -0.36 8.14 41.71
CA TRP A 50 -0.31 7.41 40.45
C TRP A 50 -0.60 8.53 39.47
N ILE A 51 0.28 8.74 38.51
CA ILE A 51 0.07 9.78 37.52
C ILE A 51 -0.23 9.14 36.20
N ASN A 52 -1.20 9.68 35.48
CA ASN A 52 -1.51 9.13 34.17
C ASN A 52 -0.30 9.34 33.25
N PRO A 53 -0.31 8.74 32.04
CA PRO A 53 0.83 8.86 31.10
C PRO A 53 1.48 10.23 30.99
N HIS A 54 2.80 10.26 31.16
CA HIS A 54 3.55 11.50 31.12
C HIS A 54 4.66 11.46 30.06
N TYR A 55 4.53 10.56 29.08
CA TYR A 55 5.54 10.39 28.03
C TYR A 55 5.22 11.17 26.78
N ALA A 56 6.23 11.34 25.92
CA ALA A 56 6.04 12.05 24.65
C ALA A 56 4.84 11.44 23.93
N SER A 57 3.92 12.29 23.48
CA SER A 57 2.70 11.82 22.86
C SER A 57 1.99 12.87 22.01
N PRO A 58 1.38 12.46 20.89
CA PRO A 58 0.64 13.37 20.01
C PRO A 58 -0.68 13.76 20.72
N ASN A 59 -0.98 13.07 21.81
CA ASN A 59 -2.19 13.31 22.59
C ASN A 59 -3.54 13.08 21.89
N THR A 60 -3.60 12.10 20.99
CA THR A 60 -4.89 11.79 20.36
C THR A 60 -5.74 11.13 21.45
N ASP A 61 -5.08 10.56 22.47
CA ASP A 61 -5.82 9.94 23.57
C ASP A 61 -5.19 10.40 24.88
N ASN A 62 -4.89 11.69 24.95
CA ASN A 62 -4.32 12.33 26.13
C ASN A 62 -3.25 11.54 26.87
N GLY A 63 -2.17 11.22 26.17
CA GLY A 63 -1.08 10.53 26.81
C GLY A 63 -1.02 9.05 26.59
N TYR A 64 -2.15 8.43 26.23
CA TYR A 64 -2.16 6.99 26.03
C TYR A 64 -1.71 6.53 24.64
N ASP A 65 -1.24 7.47 23.82
CA ASP A 65 -0.70 7.17 22.49
C ASP A 65 0.73 7.72 22.57
N ILE A 66 1.65 6.84 22.95
CA ILE A 66 3.03 7.23 23.18
C ILE A 66 3.96 7.13 21.98
N SER A 67 4.64 8.23 21.65
CA SER A 67 5.55 8.25 20.52
C SER A 67 7.02 8.10 20.92
N ASP A 68 7.32 8.15 22.22
CA ASP A 68 8.70 7.94 22.70
C ASP A 68 8.59 7.65 24.18
N TYR A 69 8.88 6.39 24.53
CA TYR A 69 8.77 5.95 25.91
C TYR A 69 9.82 6.48 26.84
N ARG A 70 10.89 7.06 26.31
CA ARG A 70 11.94 7.57 27.18
C ARG A 70 12.04 9.09 27.25
N GLU A 71 10.99 9.76 26.79
CA GLU A 71 10.95 11.21 26.84
C GLU A 71 9.66 11.62 27.53
N VAL A 72 9.71 12.75 28.23
N VAL A 72 9.71 12.73 28.25
CA VAL A 72 8.55 13.26 28.93
CA VAL A 72 8.51 13.21 28.93
C VAL A 72 7.67 14.05 27.96
C VAL A 72 7.66 13.96 27.93
N MET A 73 6.37 14.12 28.24
CA MET A 73 5.47 14.84 27.35
C MET A 73 5.85 16.31 27.36
N LYS A 74 5.98 16.91 26.19
CA LYS A 74 6.33 18.32 26.07
C LYS A 74 5.44 19.21 26.92
N GLU A 75 4.12 18.97 26.87
CA GLU A 75 3.16 19.76 27.66
C GLU A 75 3.42 19.72 29.17
N TYR A 76 3.88 18.59 29.69
CA TYR A 76 4.10 18.49 31.14
C TYR A 76 5.44 19.04 31.62
N GLY A 77 6.39 19.20 30.73
CA GLY A 77 7.69 19.73 31.13
C GLY A 77 8.83 19.00 30.48
N THR A 78 9.96 18.92 31.18
CA THR A 78 11.14 18.23 30.67
C THR A 78 11.49 17.12 31.64
N MET A 79 12.50 16.33 31.29
CA MET A 79 12.92 15.25 32.17
C MET A 79 13.37 15.89 33.48
N GLU A 80 13.96 17.08 33.40
CA GLU A 80 14.40 17.76 34.62
C GLU A 80 13.21 17.96 35.56
N ASP A 81 12.07 18.37 35.01
CA ASP A 81 10.87 18.58 35.81
C ASP A 81 10.40 17.24 36.40
N PHE A 82 10.48 16.17 35.63
CA PHE A 82 10.06 14.85 36.13
C PHE A 82 11.00 14.47 37.28
N ASP A 83 12.31 14.66 37.08
CA ASP A 83 13.28 14.34 38.13
C ASP A 83 13.02 15.12 39.39
N ARG A 84 12.65 16.39 39.24
CA ARG A 84 12.36 17.22 40.39
C ARG A 84 11.11 16.73 41.10
N LEU A 85 10.09 16.33 40.33
CA LEU A 85 8.88 15.82 40.94
C LEU A 85 9.27 14.62 41.82
N MET A 86 10.09 13.75 41.26
N MET A 86 10.09 13.74 41.27
CA MET A 86 10.56 12.56 41.96
CA MET A 86 10.54 12.56 41.99
C MET A 86 11.27 12.90 43.26
C MET A 86 11.27 12.91 43.28
N ALA A 87 12.19 13.87 43.19
CA ALA A 87 12.96 14.29 44.35
C ALA A 87 12.07 14.90 45.44
N GLU A 88 11.10 15.73 45.03
CA GLU A 88 10.19 16.37 46.00
C GLU A 88 9.27 15.37 46.67
N LEU A 89 8.86 14.34 45.93
CA LEU A 89 8.02 13.30 46.51
C LEU A 89 8.85 12.54 47.56
N LYS A 90 10.08 12.24 47.21
CA LYS A 90 10.95 11.50 48.13
C LYS A 90 11.22 12.30 49.41
N LYS A 91 11.44 13.61 49.28
CA LYS A 91 11.69 14.44 50.45
C LYS A 91 10.51 14.34 51.40
N ARG A 92 9.34 14.01 50.87
CA ARG A 92 8.14 13.91 51.69
C ARG A 92 7.78 12.47 52.03
N GLY A 93 8.64 11.53 51.66
CA GLY A 93 8.38 10.13 51.96
C GLY A 93 7.22 9.59 51.16
N MET A 94 6.96 10.20 50.02
N MET A 94 6.94 10.21 50.02
CA MET A 94 5.87 9.77 49.15
CA MET A 94 5.84 9.75 49.17
C MET A 94 6.44 8.91 48.04
C MET A 94 6.41 8.96 48.00
N ARG A 95 5.59 8.08 47.43
CA ARG A 95 6.04 7.22 46.32
C ARG A 95 5.29 7.59 45.03
N LEU A 96 5.90 7.31 43.89
CA LEU A 96 5.28 7.59 42.61
C LEU A 96 4.98 6.35 41.80
N MET A 97 3.75 6.27 41.29
CA MET A 97 3.35 5.16 40.43
C MET A 97 3.10 5.77 39.07
N VAL A 98 3.72 5.22 38.03
CA VAL A 98 3.52 5.73 36.69
C VAL A 98 2.67 4.78 35.88
N ASP A 99 2.08 5.31 34.81
CA ASP A 99 1.23 4.52 33.93
C ASP A 99 2.12 3.87 32.86
N VAL A 100 1.92 2.61 32.61
CA VAL A 100 2.71 1.91 31.59
C VAL A 100 1.74 1.49 30.51
N VAL A 101 1.94 2.03 29.31
CA VAL A 101 1.06 1.79 28.18
C VAL A 101 1.81 1.02 27.11
N ILE A 102 1.77 -0.31 27.21
CA ILE A 102 2.50 -1.13 26.26
C ILE A 102 1.67 -2.14 25.50
N ASN A 103 0.37 -1.90 25.48
CA ASN A 103 -0.52 -2.71 24.67
C ASN A 103 -0.41 -2.12 23.26
N HIS A 104 -0.14 -0.81 23.21
CA HIS A 104 -0.05 -0.11 21.94
C HIS A 104 0.85 1.10 22.11
N SER A 105 1.27 1.66 20.98
CA SER A 105 2.08 2.86 20.97
C SER A 105 1.38 3.84 20.04
N SER A 106 1.94 5.03 19.88
CA SER A 106 1.37 6.00 18.96
C SER A 106 1.81 5.54 17.56
N ASP A 107 1.09 5.96 16.51
CA ASP A 107 1.52 5.61 15.17
C ASP A 107 2.68 6.54 14.78
N GLN A 108 3.04 7.44 15.68
CA GLN A 108 4.16 8.34 15.42
C GLN A 108 5.41 7.79 16.10
N HIS A 109 5.28 6.66 16.79
CA HIS A 109 6.47 6.08 17.43
C HIS A 109 7.41 5.67 16.29
N GLU A 110 8.72 5.78 16.51
CA GLU A 110 9.66 5.40 15.46
C GLU A 110 9.50 3.94 15.06
N TRP A 111 9.13 3.09 16.00
CA TRP A 111 8.95 1.68 15.66
C TRP A 111 7.85 1.52 14.61
N PHE A 112 6.78 2.27 14.74
CA PHE A 112 5.69 2.17 13.78
C PHE A 112 6.05 2.76 12.42
N LYS A 113 6.71 3.90 12.43
CA LYS A 113 7.10 4.52 11.17
C LYS A 113 7.96 3.54 10.38
N SER A 114 8.79 2.78 11.08
CA SER A 114 9.63 1.77 10.48
C SER A 114 8.80 0.56 10.05
N SER A 115 8.01 0.06 11.00
CA SER A 115 7.17 -1.11 10.74
C SER A 115 6.34 -0.97 9.46
N ARG A 116 5.74 0.21 9.26
CA ARG A 116 4.88 0.39 8.09
C ARG A 116 5.56 0.53 6.74
N ALA A 117 6.87 0.75 6.73
CA ALA A 117 7.62 0.92 5.48
C ALA A 117 7.60 -0.23 4.49
N SER A 118 7.71 -1.47 4.98
CA SER A 118 7.70 -2.62 4.10
C SER A 118 7.46 -3.88 4.90
N LYS A 119 7.11 -4.98 4.22
CA LYS A 119 6.88 -6.23 4.93
C LYS A 119 8.17 -6.83 5.47
N ASP A 120 9.30 -6.46 4.87
CA ASP A 120 10.59 -6.98 5.32
C ASP A 120 11.33 -6.07 6.31
N ASN A 121 10.71 -4.96 6.72
CA ASN A 121 11.37 -4.08 7.67
C ASN A 121 11.62 -4.82 9.01
N PRO A 122 12.78 -4.57 9.66
CA PRO A 122 13.10 -5.23 10.93
C PRO A 122 12.02 -5.03 12.02
N TYR A 123 11.25 -3.96 11.88
CA TYR A 123 10.20 -3.64 12.85
C TYR A 123 8.79 -4.00 12.39
N ARG A 124 8.69 -4.76 11.30
CA ARG A 124 7.39 -5.12 10.77
C ARG A 124 6.56 -5.84 11.84
N ASP A 125 7.17 -6.85 12.47
CA ASP A 125 6.49 -7.63 13.50
C ASP A 125 6.40 -7.01 14.89
N TYR A 126 6.70 -5.72 15.01
CA TYR A 126 6.52 -5.03 16.29
C TYR A 126 5.04 -4.72 16.41
N TYR A 127 4.31 -4.85 15.31
CA TYR A 127 2.87 -4.58 15.26
C TYR A 127 2.18 -5.74 14.55
N PHE A 128 0.87 -5.67 14.40
CA PHE A 128 0.09 -6.70 13.71
C PHE A 128 -0.34 -6.21 12.35
N TRP A 129 0.22 -6.81 11.31
CA TRP A 129 -0.09 -6.47 9.94
C TRP A 129 -0.70 -7.70 9.30
N ARG A 130 -1.86 -7.53 8.68
CA ARG A 130 -2.54 -8.67 8.05
C ARG A 130 -3.23 -8.30 6.74
N ASP A 131 -3.37 -9.29 5.87
CA ASP A 131 -4.06 -9.07 4.60
C ASP A 131 -5.55 -9.00 4.89
N GLY A 132 -6.28 -8.20 4.12
CA GLY A 132 -7.71 -8.10 4.30
C GLY A 132 -8.33 -9.42 3.84
N LYS A 133 -9.61 -9.60 4.11
CA LYS A 133 -10.32 -10.82 3.70
C LYS A 133 -11.60 -10.42 2.99
N ASP A 134 -12.01 -11.23 2.01
CA ASP A 134 -13.24 -11.00 1.25
C ASP A 134 -13.50 -9.56 0.85
N GLY A 135 -12.45 -8.83 0.45
CA GLY A 135 -12.64 -7.44 0.05
C GLY A 135 -12.60 -6.40 1.15
N HIS A 136 -12.57 -6.85 2.40
CA HIS A 136 -12.55 -5.90 3.51
C HIS A 136 -11.48 -6.24 4.54
N GLU A 137 -11.71 -5.83 5.78
CA GLU A 137 -10.76 -6.06 6.87
C GLU A 137 -10.44 -7.53 7.14
N PRO A 138 -9.32 -7.80 7.84
CA PRO A 138 -8.89 -9.16 8.17
C PRO A 138 -9.99 -9.95 8.90
N ASN A 139 -10.75 -9.27 9.76
CA ASN A 139 -11.86 -9.90 10.46
C ASN A 139 -12.80 -8.81 10.96
N ASN A 140 -13.79 -9.20 11.76
CA ASN A 140 -14.79 -8.26 12.24
C ASN A 140 -14.51 -7.52 13.54
N TYR A 141 -13.27 -7.55 14.01
CA TYR A 141 -12.94 -6.86 15.25
C TYR A 141 -13.32 -5.40 15.26
N PRO A 142 -14.03 -4.93 16.30
CA PRO A 142 -14.36 -3.51 16.34
C PRO A 142 -13.36 -2.80 17.24
N SER A 143 -13.23 -1.50 17.09
CA SER A 143 -12.33 -0.71 17.93
C SER A 143 -13.12 -0.04 19.06
N PHE A 144 -12.51 0.12 20.23
CA PHE A 144 -13.17 0.78 21.34
C PHE A 144 -13.47 2.23 20.99
N PHE A 145 -12.68 2.80 20.07
CA PHE A 145 -12.86 4.20 19.70
C PHE A 145 -13.53 4.47 18.36
N GLY A 146 -14.30 3.50 17.87
CA GLY A 146 -15.02 3.71 16.63
C GLY A 146 -14.57 2.92 15.42
N GLY A 147 -15.54 2.35 14.71
CA GLY A 147 -15.22 1.60 13.52
C GLY A 147 -14.44 0.32 13.75
N SER A 148 -13.80 -0.14 12.69
CA SER A 148 -13.00 -1.36 12.70
C SER A 148 -11.70 -1.22 13.49
N ALA A 149 -11.24 -2.33 14.04
CA ALA A 149 -9.97 -2.35 14.78
C ALA A 149 -8.83 -2.55 13.77
N TRP A 150 -9.16 -2.53 12.48
CA TRP A 150 -8.17 -2.70 11.43
C TRP A 150 -8.12 -1.51 10.49
N GLU A 151 -6.92 -0.99 10.28
CA GLU A 151 -6.70 0.16 9.41
C GLU A 151 -5.76 -0.20 8.25
N LYS A 152 -6.20 0.05 7.03
CA LYS A 152 -5.39 -0.27 5.85
C LYS A 152 -4.32 0.78 5.65
N ASP A 153 -3.10 0.34 5.36
CA ASP A 153 -2.03 1.29 5.12
C ASP A 153 -1.64 1.06 3.68
N PRO A 154 -1.92 2.03 2.80
CA PRO A 154 -1.57 1.86 1.39
C PRO A 154 -0.07 1.67 1.10
N VAL A 155 0.79 2.04 2.05
CA VAL A 155 2.22 1.86 1.83
C VAL A 155 2.57 0.39 1.55
N THR A 156 1.80 -0.53 2.13
CA THR A 156 2.00 -1.96 1.90
C THR A 156 0.71 -2.67 1.50
N GLY A 157 -0.43 -2.00 1.65
CA GLY A 157 -1.68 -2.66 1.29
C GLY A 157 -2.23 -3.59 2.35
N GLN A 158 -1.53 -3.70 3.48
CA GLN A 158 -2.02 -4.55 4.57
C GLN A 158 -2.68 -3.68 5.63
N TYR A 159 -3.41 -4.32 6.53
CA TYR A 159 -4.09 -3.64 7.60
C TYR A 159 -3.35 -3.84 8.89
N TYR A 160 -3.32 -2.82 9.74
CA TYR A 160 -2.69 -2.98 11.04
C TYR A 160 -3.80 -2.92 12.09
N LEU A 161 -3.54 -3.59 13.21
CA LEU A 161 -4.48 -3.69 14.30
C LEU A 161 -4.38 -2.57 15.32
N HIS A 162 -5.55 -2.10 15.74
CA HIS A 162 -5.65 -1.09 16.78
C HIS A 162 -6.96 -1.30 17.55
N TYR A 163 -6.87 -1.85 18.76
CA TYR A 163 -8.07 -2.03 19.57
C TYR A 163 -8.61 -0.66 19.92
N PHE A 164 -7.71 0.30 20.11
CA PHE A 164 -8.18 1.62 20.45
C PHE A 164 -8.16 2.54 19.24
N GLY A 165 -7.64 3.75 19.33
CA GLY A 165 -7.68 4.62 18.17
C GLY A 165 -6.81 4.18 17.00
N ARG A 166 -7.12 4.69 15.81
CA ARG A 166 -6.31 4.34 14.65
C ARG A 166 -4.88 4.86 14.81
N GLN A 167 -4.68 5.80 15.74
CA GLN A 167 -3.34 6.33 15.96
C GLN A 167 -2.66 5.65 17.16
N GLN A 168 -3.19 4.47 17.52
CA GLN A 168 -2.67 3.69 18.64
C GLN A 168 -2.54 2.23 18.20
N PRO A 169 -1.62 1.94 17.26
CA PRO A 169 -1.44 0.57 16.79
C PRO A 169 -0.98 -0.37 17.90
N ASP A 170 -1.59 -1.55 17.95
CA ASP A 170 -1.23 -2.52 18.97
C ASP A 170 0.14 -3.11 18.79
N LEU A 171 0.87 -3.21 19.90
CA LEU A 171 2.22 -3.78 19.93
C LEU A 171 2.10 -5.30 19.91
N ASN A 172 3.00 -5.94 19.17
CA ASN A 172 2.98 -7.40 18.99
C ASN A 172 3.89 -8.11 19.98
N TRP A 173 3.29 -8.51 21.09
CA TRP A 173 3.99 -9.22 22.15
C TRP A 173 4.46 -10.61 21.73
N ASP A 174 3.98 -11.10 20.59
CA ASP A 174 4.42 -12.42 20.14
C ASP A 174 5.83 -12.35 19.59
N THR A 175 6.35 -11.14 19.47
CA THR A 175 7.68 -10.91 18.92
C THR A 175 8.66 -10.70 20.07
N PRO A 176 9.57 -11.67 20.27
CA PRO A 176 10.55 -11.58 21.35
C PRO A 176 11.34 -10.30 21.40
N LYS A 177 11.78 -9.82 20.25
CA LYS A 177 12.58 -8.59 20.23
C LYS A 177 11.81 -7.39 20.73
N LEU A 178 10.51 -7.35 20.44
CA LEU A 178 9.63 -6.27 20.91
C LEU A 178 9.51 -6.41 22.42
N ARG A 179 9.26 -7.62 22.91
CA ARG A 179 9.15 -7.78 24.36
C ARG A 179 10.42 -7.27 25.05
N GLU A 180 11.59 -7.64 24.52
CA GLU A 180 12.84 -7.21 25.14
C GLU A 180 12.98 -5.67 25.13
N GLU A 181 12.50 -5.01 24.08
CA GLU A 181 12.56 -3.55 24.02
C GLU A 181 11.66 -2.93 25.10
N LEU A 182 10.51 -3.56 25.32
CA LEU A 182 9.59 -3.07 26.33
C LEU A 182 10.22 -3.25 27.70
N TYR A 183 10.90 -4.39 27.92
CA TYR A 183 11.51 -4.59 29.22
C TYR A 183 12.59 -3.56 29.47
N ALA A 184 13.39 -3.24 28.46
CA ALA A 184 14.48 -2.29 28.64
C ALA A 184 13.89 -0.93 28.99
N MET A 185 12.76 -0.63 28.36
CA MET A 185 12.05 0.61 28.59
C MET A 185 11.57 0.67 30.04
N LEU A 186 11.02 -0.42 30.56
CA LEU A 186 10.56 -0.40 31.93
C LEU A 186 11.76 -0.16 32.87
N ARG A 187 12.87 -0.84 32.61
CA ARG A 187 14.04 -0.70 33.45
C ARG A 187 14.54 0.74 33.47
N PHE A 188 14.35 1.44 32.34
CA PHE A 188 14.77 2.84 32.22
C PHE A 188 14.06 3.70 33.27
N TRP A 189 12.76 3.46 33.46
CA TRP A 189 12.01 4.24 34.43
C TRP A 189 12.21 3.71 35.85
N LEU A 190 12.38 2.40 35.97
CA LEU A 190 12.57 1.81 37.27
C LEU A 190 13.91 2.22 37.88
N ASP A 191 14.91 2.38 37.01
CA ASP A 191 16.25 2.78 37.42
C ASP A 191 16.26 4.22 37.95
N LYS A 192 15.24 4.98 37.57
CA LYS A 192 15.12 6.37 38.02
C LYS A 192 14.47 6.45 39.40
N GLY A 193 14.02 5.31 39.93
CA GLY A 193 13.42 5.30 41.26
C GLY A 193 11.91 5.18 41.35
N VAL A 194 11.23 4.98 40.23
CA VAL A 194 9.78 4.84 40.24
C VAL A 194 9.37 3.69 41.17
N SER A 195 8.36 3.93 42.01
CA SER A 195 7.90 2.93 42.98
C SER A 195 6.76 2.02 42.58
N GLY A 196 6.12 2.32 41.44
CA GLY A 196 5.03 1.48 41.02
C GLY A 196 4.73 1.73 39.57
N MET A 197 4.05 0.76 38.97
CA MET A 197 3.66 0.89 37.58
C MET A 197 2.26 0.32 37.45
N ARG A 198 1.40 1.07 36.76
CA ARG A 198 0.02 0.63 36.54
C ARG A 198 -0.01 0.29 35.06
N PHE A 199 -0.30 -0.97 34.75
CA PHE A 199 -0.32 -1.45 33.37
C PHE A 199 -1.66 -1.30 32.70
N ASP A 200 -1.70 -0.37 31.77
CA ASP A 200 -2.86 -0.05 30.97
C ASP A 200 -3.33 -1.28 30.18
N THR A 201 -4.63 -1.57 30.22
CA THR A 201 -5.24 -2.72 29.52
C THR A 201 -4.28 -3.91 29.45
N VAL A 202 -3.83 -4.31 30.62
CA VAL A 202 -2.87 -5.37 30.76
C VAL A 202 -3.40 -6.72 30.29
N ALA A 203 -4.72 -6.89 30.22
CA ALA A 203 -5.26 -8.17 29.80
C ALA A 203 -5.39 -8.39 28.30
N THR A 204 -5.04 -7.38 27.50
CA THR A 204 -5.14 -7.53 26.06
C THR A 204 -3.83 -7.74 25.31
N TYR A 205 -2.73 -7.92 26.03
CA TYR A 205 -1.43 -8.09 25.39
C TYR A 205 -1.30 -9.27 24.45
N SER A 206 -1.98 -10.37 24.77
CA SER A 206 -1.89 -11.53 23.89
C SER A 206 -3.07 -11.53 22.92
N LYS A 207 -2.77 -11.60 21.63
CA LYS A 207 -3.79 -11.61 20.60
C LYS A 207 -4.09 -13.06 20.22
N THR A 208 -5.25 -13.31 19.66
CA THR A 208 -5.61 -14.68 19.29
C THR A 208 -5.00 -15.05 17.94
N PRO A 209 -4.21 -16.13 17.91
CA PRO A 209 -3.57 -16.57 16.67
C PRO A 209 -4.58 -16.76 15.56
N GLY A 210 -4.26 -16.25 14.37
CA GLY A 210 -5.13 -16.41 13.23
C GLY A 210 -6.25 -15.38 13.10
N PHE A 211 -6.43 -14.57 14.14
CA PHE A 211 -7.46 -13.55 14.14
C PHE A 211 -8.81 -14.00 13.55
N PRO A 212 -9.39 -15.07 14.10
CA PRO A 212 -10.69 -15.49 13.53
C PRO A 212 -11.76 -14.47 13.92
N ASP A 213 -12.89 -14.48 13.22
CA ASP A 213 -13.95 -13.54 13.55
C ASP A 213 -14.51 -13.81 14.93
N LEU A 214 -14.99 -12.75 15.57
CA LEU A 214 -15.65 -12.85 16.85
C LEU A 214 -17.04 -13.38 16.51
N THR A 215 -17.60 -14.19 17.40
CA THR A 215 -18.94 -14.73 17.19
C THR A 215 -19.92 -13.61 17.50
N PRO A 216 -21.18 -13.77 17.10
CA PRO A 216 -22.20 -12.74 17.37
C PRO A 216 -22.21 -12.39 18.85
N GLU A 217 -22.08 -13.43 19.67
CA GLU A 217 -22.06 -13.28 21.13
C GLU A 217 -20.84 -12.46 21.54
N GLN A 218 -19.66 -12.89 21.12
CA GLN A 218 -18.44 -12.17 21.47
C GLN A 218 -18.50 -10.73 21.00
N MET A 219 -19.18 -10.49 19.89
N MET A 219 -19.17 -10.49 19.88
CA MET A 219 -19.30 -9.15 19.33
CA MET A 219 -19.28 -9.14 19.34
C MET A 219 -20.00 -8.19 20.26
C MET A 219 -19.99 -8.19 20.28
N LYS A 220 -20.95 -8.70 21.04
CA LYS A 220 -21.70 -7.86 21.98
C LYS A 220 -20.82 -7.41 23.14
N ASN A 221 -19.80 -8.21 23.45
CA ASN A 221 -18.89 -7.89 24.54
C ASN A 221 -17.49 -8.18 24.02
N PHE A 222 -17.07 -7.43 23.00
CA PHE A 222 -15.76 -7.69 22.42
C PHE A 222 -14.64 -7.38 23.40
N ALA A 223 -14.89 -6.52 24.39
CA ALA A 223 -13.85 -6.18 25.37
C ALA A 223 -13.38 -7.45 26.07
N GLU A 224 -14.31 -8.34 26.38
CA GLU A 224 -13.97 -9.59 27.03
C GLU A 224 -13.21 -10.52 26.12
N ALA A 225 -13.62 -10.60 24.86
CA ALA A 225 -12.93 -11.45 23.89
C ALA A 225 -11.46 -11.05 23.74
N TYR A 226 -11.19 -9.75 23.73
CA TYR A 226 -9.79 -9.31 23.60
C TYR A 226 -8.90 -9.67 24.78
N THR A 227 -9.48 -10.16 25.88
CA THR A 227 -8.67 -10.51 27.05
C THR A 227 -8.35 -12.00 27.10
N GLN A 228 -8.80 -12.72 26.09
CA GLN A 228 -8.62 -14.16 26.07
C GLN A 228 -7.45 -14.69 25.25
N GLY A 229 -6.43 -13.85 25.05
CA GLY A 229 -5.26 -14.27 24.29
C GLY A 229 -4.61 -15.46 25.00
N PRO A 230 -4.22 -16.50 24.24
CA PRO A 230 -3.61 -17.69 24.84
C PRO A 230 -2.25 -17.57 25.53
N ASN A 231 -1.49 -16.53 25.21
CA ASN A 231 -0.17 -16.35 25.79
C ASN A 231 -0.08 -15.25 26.83
N LEU A 232 -1.22 -14.72 27.25
CA LEU A 232 -1.22 -13.63 28.21
C LEU A 232 -0.41 -13.84 29.47
N HIS A 233 -0.69 -14.91 30.21
CA HIS A 233 0.02 -15.09 31.46
C HIS A 233 1.47 -15.45 31.32
N ARG A 234 1.81 -16.04 30.18
CA ARG A 234 3.18 -16.39 29.87
C ARG A 234 3.94 -15.06 29.71
N TYR A 235 3.33 -14.11 29.01
CA TYR A 235 3.98 -12.81 28.79
C TYR A 235 4.12 -12.06 30.12
N LEU A 236 3.07 -12.03 30.92
CA LEU A 236 3.13 -11.34 32.21
C LEU A 236 4.17 -11.96 33.13
N GLN A 237 4.22 -13.29 33.16
CA GLN A 237 5.20 -13.95 34.00
C GLN A 237 6.62 -13.68 33.51
N GLU A 238 6.80 -13.58 32.19
CA GLU A 238 8.12 -13.29 31.64
C GLU A 238 8.55 -11.88 32.04
N MET A 239 7.64 -10.94 31.91
CA MET A 239 7.92 -9.56 32.28
C MET A 239 8.30 -9.48 33.75
N HIS A 240 7.60 -10.22 34.60
CA HIS A 240 7.94 -10.18 36.01
C HIS A 240 9.33 -10.76 36.24
N GLU A 241 9.62 -11.85 35.56
CA GLU A 241 10.91 -12.50 35.70
C GLU A 241 12.06 -11.63 35.18
N LYS A 242 11.84 -10.95 34.06
CA LYS A 242 12.89 -10.15 33.44
C LYS A 242 13.05 -8.76 34.00
N VAL A 243 11.99 -8.23 34.56
CA VAL A 243 12.02 -6.86 35.07
C VAL A 243 11.77 -6.72 36.56
N PHE A 244 10.52 -6.92 36.96
CA PHE A 244 10.13 -6.71 38.34
C PHE A 244 10.78 -7.49 39.44
N ASP A 245 11.29 -8.66 39.11
CA ASP A 245 11.94 -9.50 40.08
C ASP A 245 13.24 -8.80 40.53
N HIS A 246 13.69 -7.81 39.76
CA HIS A 246 14.92 -7.12 40.08
C HIS A 246 14.73 -5.76 40.75
N TYR A 247 13.48 -5.39 40.98
CA TYR A 247 13.19 -4.11 41.63
C TYR A 247 12.23 -4.32 42.76
N ASP A 248 11.93 -3.24 43.48
CA ASP A 248 11.02 -3.30 44.61
C ASP A 248 9.81 -2.42 44.32
N ALA A 249 9.41 -2.36 43.06
CA ALA A 249 8.26 -1.54 42.64
C ALA A 249 6.99 -2.38 42.68
N VAL A 250 5.87 -1.76 43.03
CA VAL A 250 4.60 -2.47 43.05
C VAL A 250 3.98 -2.40 41.66
N THR A 251 3.37 -3.49 41.22
CA THR A 251 2.75 -3.53 39.91
C THR A 251 1.25 -3.70 40.05
N ALA A 252 0.51 -2.90 39.29
CA ALA A 252 -0.94 -2.94 39.34
C ALA A 252 -1.44 -3.02 37.92
N GLY A 253 -2.29 -3.99 37.65
CA GLY A 253 -2.78 -4.11 36.30
C GLY A 253 -4.21 -3.67 36.16
N GLU A 254 -4.49 -2.96 35.06
CA GLU A 254 -5.83 -2.52 34.76
C GLU A 254 -6.38 -3.68 33.94
N ILE A 255 -7.14 -4.55 34.60
CA ILE A 255 -7.71 -5.73 33.96
C ILE A 255 -9.07 -5.37 33.41
N PHE A 256 -9.11 -4.60 32.34
CA PHE A 256 -10.40 -4.22 31.79
C PHE A 256 -10.91 -5.27 30.82
N GLY A 257 -12.19 -5.61 30.95
CA GLY A 257 -12.81 -6.59 30.07
C GLY A 257 -12.73 -8.03 30.51
N ALA A 258 -11.80 -8.37 31.39
CA ALA A 258 -11.64 -9.76 31.82
C ALA A 258 -12.73 -10.24 32.76
N PRO A 259 -13.14 -11.51 32.62
CA PRO A 259 -14.17 -12.08 33.48
C PRO A 259 -13.58 -12.09 34.89
N LEU A 260 -14.40 -11.78 35.89
CA LEU A 260 -13.88 -11.72 37.24
C LEU A 260 -13.17 -13.00 37.69
N ASN A 261 -13.69 -14.15 37.29
CA ASN A 261 -13.09 -15.42 37.70
C ASN A 261 -11.64 -15.64 37.24
N GLN A 262 -11.17 -14.82 36.31
CA GLN A 262 -9.80 -14.96 35.81
C GLN A 262 -8.83 -14.02 36.51
N VAL A 263 -9.36 -13.07 37.27
CA VAL A 263 -8.51 -12.12 37.97
C VAL A 263 -7.46 -12.73 38.88
N PRO A 264 -7.75 -13.87 39.53
CA PRO A 264 -6.73 -14.46 40.39
C PRO A 264 -5.45 -14.83 39.65
N LEU A 265 -5.55 -15.13 38.34
CA LEU A 265 -4.38 -15.49 37.54
C LEU A 265 -3.40 -14.33 37.41
N PHE A 266 -3.90 -13.11 37.53
CA PHE A 266 -3.08 -11.90 37.44
C PHE A 266 -2.47 -11.46 38.78
N ILE A 267 -3.21 -11.65 39.87
CA ILE A 267 -2.74 -11.17 41.15
C ILE A 267 -2.31 -12.14 42.24
N ASP A 268 -2.56 -13.44 42.05
CA ASP A 268 -2.12 -14.42 43.07
C ASP A 268 -0.60 -14.22 43.18
N SER A 269 -0.11 -13.85 44.37
CA SER A 269 1.31 -13.58 44.54
C SER A 269 2.20 -14.77 44.17
N ARG A 270 1.66 -15.97 44.31
CA ARG A 270 2.43 -17.15 43.98
C ARG A 270 2.72 -17.30 42.48
N ARG A 271 1.91 -16.66 41.64
CA ARG A 271 2.07 -16.77 40.19
C ARG A 271 3.11 -15.80 39.66
N LYS A 272 3.54 -14.88 40.48
CA LYS A 272 4.55 -13.90 40.09
C LYS A 272 4.20 -13.20 38.78
N GLU A 273 3.05 -12.53 38.80
CA GLU A 273 2.61 -11.75 37.67
C GLU A 273 2.48 -10.33 38.21
N LEU A 274 1.26 -9.92 38.59
CA LEU A 274 1.08 -8.56 39.12
C LEU A 274 0.81 -8.59 40.61
N ASP A 275 1.02 -7.47 41.29
CA ASP A 275 0.78 -7.38 42.73
C ASP A 275 -0.67 -7.08 43.07
N MET A 276 -1.28 -6.19 42.31
CA MET A 276 -2.66 -5.90 42.61
C MET A 276 -3.40 -5.58 41.34
N ALA A 277 -4.72 -5.61 41.43
CA ALA A 277 -5.51 -5.38 40.24
C ALA A 277 -6.55 -4.30 40.35
N PHE A 278 -6.77 -3.63 39.23
CA PHE A 278 -7.82 -2.63 39.11
C PHE A 278 -8.85 -3.40 38.31
N THR A 279 -10.02 -3.68 38.88
CA THR A 279 -11.06 -4.37 38.11
C THR A 279 -12.13 -3.33 37.84
N PHE A 280 -13.02 -3.59 36.89
CA PHE A 280 -14.03 -2.59 36.57
C PHE A 280 -15.44 -3.08 36.77
N ASP A 281 -15.57 -4.26 37.37
CA ASP A 281 -16.88 -4.81 37.63
C ASP A 281 -17.71 -3.80 38.42
N LEU A 282 -17.13 -3.19 39.46
CA LEU A 282 -17.90 -2.23 40.25
C LEU A 282 -18.11 -0.88 39.55
N ILE A 283 -17.03 -0.28 39.08
CA ILE A 283 -17.14 1.03 38.45
C ILE A 283 -18.05 1.02 37.21
N ARG A 284 -18.19 -0.14 36.56
CA ARG A 284 -19.07 -0.24 35.39
C ARG A 284 -20.29 -1.12 35.69
N TYR A 285 -20.62 -1.28 36.97
CA TYR A 285 -21.74 -2.15 37.37
C TYR A 285 -23.09 -1.71 36.84
N ASP A 286 -23.21 -0.45 36.45
CA ASP A 286 -24.46 0.08 35.90
C ASP A 286 -24.27 0.63 34.50
N ARG A 287 -23.26 0.13 33.80
CA ARG A 287 -23.01 0.59 32.44
C ARG A 287 -23.51 -0.47 31.46
N ALA A 288 -24.19 -0.05 30.40
CA ALA A 288 -24.68 -0.98 29.38
C ALA A 288 -23.48 -1.47 28.55
N LEU A 289 -23.66 -2.59 27.86
CA LEU A 289 -22.61 -3.16 27.02
C LEU A 289 -22.04 -2.18 26.00
N ASP A 290 -22.85 -1.27 25.49
CA ASP A 290 -22.35 -0.31 24.52
C ASP A 290 -21.47 0.77 25.14
N ARG A 291 -21.39 0.74 26.48
CA ARG A 291 -20.55 1.65 27.26
C ARG A 291 -20.97 3.11 27.34
N TRP A 292 -22.09 3.48 26.73
CA TRP A 292 -22.51 4.85 26.89
C TRP A 292 -23.89 4.99 27.52
N HIS A 293 -24.63 3.89 27.63
CA HIS A 293 -25.92 3.97 28.33
C HIS A 293 -25.70 3.43 29.73
N THR A 294 -26.58 3.82 30.64
CA THR A 294 -26.51 3.32 32.00
C THR A 294 -27.73 2.42 32.23
N ILE A 295 -27.62 1.55 33.22
CA ILE A 295 -28.69 0.64 33.58
C ILE A 295 -28.92 0.86 35.06
N PRO A 296 -30.17 1.10 35.47
CA PRO A 296 -30.43 1.33 36.90
C PRO A 296 -30.04 0.14 37.78
N ARG A 297 -29.31 0.40 38.86
CA ARG A 297 -28.90 -0.65 39.79
C ARG A 297 -29.25 -0.18 41.19
N THR A 298 -29.12 -1.07 42.17
CA THR A 298 -29.40 -0.69 43.56
C THR A 298 -28.16 -0.99 44.38
N LEU A 299 -28.22 -0.62 45.65
CA LEU A 299 -27.11 -0.87 46.56
C LEU A 299 -26.87 -2.37 46.66
N ALA A 300 -27.94 -3.16 46.49
CA ALA A 300 -27.77 -4.62 46.56
C ALA A 300 -26.78 -5.08 45.48
N ASP A 301 -26.91 -4.53 44.28
CA ASP A 301 -26.01 -4.86 43.17
C ASP A 301 -24.61 -4.36 43.48
N PHE A 302 -24.55 -3.15 44.02
CA PHE A 302 -23.28 -2.52 44.38
C PHE A 302 -22.50 -3.37 45.38
N ARG A 303 -23.10 -3.70 46.51
CA ARG A 303 -22.39 -4.51 47.51
C ARG A 303 -22.12 -5.94 47.06
N GLN A 304 -23.02 -6.53 46.27
CA GLN A 304 -22.79 -7.89 45.82
C GLN A 304 -21.62 -7.91 44.86
N THR A 305 -21.43 -6.83 44.13
CA THR A 305 -20.32 -6.80 43.18
C THR A 305 -19.03 -6.68 43.98
N ILE A 306 -19.04 -5.82 44.99
CA ILE A 306 -17.88 -5.64 45.84
C ILE A 306 -17.54 -6.97 46.51
N ASP A 307 -18.58 -7.67 46.97
CA ASP A 307 -18.37 -8.95 47.65
C ASP A 307 -17.70 -9.97 46.74
N LYS A 308 -18.14 -10.03 45.49
CA LYS A 308 -17.57 -10.94 44.50
C LYS A 308 -16.12 -10.58 44.19
N VAL A 309 -15.84 -9.29 44.08
CA VAL A 309 -14.48 -8.83 43.79
C VAL A 309 -13.57 -9.11 44.98
N ASP A 310 -14.05 -8.86 46.20
CA ASP A 310 -13.22 -9.13 47.35
C ASP A 310 -12.90 -10.60 47.46
N ALA A 311 -13.90 -11.44 47.22
CA ALA A 311 -13.72 -12.88 47.30
C ALA A 311 -12.66 -13.40 46.34
N ILE A 312 -12.59 -12.78 45.17
CA ILE A 312 -11.65 -13.19 44.15
C ILE A 312 -10.19 -13.00 44.58
N ALA A 313 -9.93 -12.08 45.51
CA ALA A 313 -8.58 -11.85 45.98
C ALA A 313 -8.02 -13.04 46.78
N GLY A 314 -8.91 -13.88 47.30
CA GLY A 314 -8.45 -15.02 48.07
C GLY A 314 -7.41 -14.62 49.11
N GLU A 315 -6.50 -15.53 49.43
CA GLU A 315 -5.47 -15.24 50.42
C GLU A 315 -4.16 -14.71 49.82
N TYR A 316 -3.91 -14.97 48.54
CA TYR A 316 -2.64 -14.52 47.98
C TYR A 316 -2.76 -13.37 47.01
N GLY A 317 -3.97 -12.91 46.75
CA GLY A 317 -4.16 -11.82 45.82
C GLY A 317 -4.44 -10.53 46.56
N TRP A 318 -4.56 -9.43 45.82
CA TRP A 318 -4.85 -8.16 46.46
C TRP A 318 -5.53 -7.24 45.45
N ASN A 319 -6.50 -6.48 45.93
CA ASN A 319 -7.27 -5.58 45.07
C ASN A 319 -7.01 -4.14 45.39
N THR A 320 -7.26 -3.28 44.42
CA THR A 320 -7.17 -1.85 44.62
C THR A 320 -8.66 -1.57 44.76
N PHE A 321 -9.03 -0.42 45.30
CA PHE A 321 -10.45 -0.10 45.38
C PHE A 321 -10.57 1.37 44.95
N PHE A 322 -11.52 1.67 44.08
CA PHE A 322 -11.66 3.05 43.65
C PHE A 322 -13.10 3.25 43.22
N LEU A 323 -13.63 4.47 43.36
CA LEU A 323 -14.99 4.75 42.95
C LEU A 323 -14.95 5.69 41.74
N GLY A 324 -13.74 6.11 41.40
CA GLY A 324 -13.60 6.97 40.24
C GLY A 324 -12.20 7.01 39.69
N ASN A 325 -12.10 7.35 38.41
CA ASN A 325 -10.82 7.51 37.77
C ASN A 325 -11.01 8.44 36.57
N HIS A 326 -10.01 8.54 35.73
CA HIS A 326 -10.06 9.44 34.60
C HIS A 326 -10.92 8.96 33.44
N ASP A 327 -11.46 7.74 33.53
CA ASP A 327 -12.27 7.19 32.45
C ASP A 327 -13.73 7.02 32.84
N ASN A 328 -14.11 7.60 33.96
CA ASN A 328 -15.48 7.42 34.45
C ASN A 328 -16.09 8.67 35.04
N PRO A 329 -17.42 8.69 35.13
CA PRO A 329 -18.07 9.86 35.71
C PRO A 329 -17.60 10.03 37.18
N ARG A 330 -17.79 11.22 37.72
CA ARG A 330 -17.38 11.52 39.08
C ARG A 330 -18.11 10.66 40.11
N ALA A 331 -17.38 10.16 41.10
CA ALA A 331 -17.96 9.30 42.13
C ALA A 331 -19.24 9.81 42.78
N VAL A 332 -19.26 11.05 43.23
CA VAL A 332 -20.47 11.51 43.89
C VAL A 332 -21.63 11.57 42.91
N SER A 333 -21.36 11.82 41.64
CA SER A 333 -22.44 11.88 40.67
C SER A 333 -22.93 10.49 40.30
N HIS A 334 -22.00 9.55 40.26
CA HIS A 334 -22.28 8.19 39.85
C HIS A 334 -22.86 7.26 40.93
N PHE A 335 -22.25 7.28 42.10
CA PHE A 335 -22.69 6.44 43.20
C PHE A 335 -23.42 7.21 44.29
N GLY A 336 -23.23 8.53 44.35
CA GLY A 336 -23.89 9.29 45.40
C GLY A 336 -25.07 10.06 44.88
N ASP A 337 -25.31 11.24 45.44
CA ASP A 337 -26.40 12.07 44.97
C ASP A 337 -25.75 13.45 44.80
N ASP A 338 -25.54 13.90 43.58
CA ASP A 338 -24.86 15.18 43.46
C ASP A 338 -25.74 16.41 43.52
N ARG A 339 -27.03 16.21 43.85
CA ARG A 339 -27.93 17.37 43.99
C ARG A 339 -27.35 18.23 45.09
N PRO A 340 -27.51 19.56 45.00
CA PRO A 340 -26.97 20.45 46.02
C PRO A 340 -27.20 20.08 47.47
N GLN A 341 -28.40 19.64 47.82
CA GLN A 341 -28.67 19.35 49.22
C GLN A 341 -28.08 18.04 49.74
N TRP A 342 -27.60 17.20 48.83
CA TRP A 342 -27.08 15.89 49.22
C TRP A 342 -25.63 15.62 48.80
N ARG A 343 -25.07 16.49 47.98
CA ARG A 343 -23.73 16.28 47.45
C ARG A 343 -22.67 16.04 48.50
N GLU A 344 -22.60 16.93 49.48
CA GLU A 344 -21.59 16.80 50.52
C GLU A 344 -21.83 15.58 51.39
N ALA A 345 -23.07 15.35 51.79
CA ALA A 345 -23.38 14.20 52.62
C ALA A 345 -23.04 12.86 51.93
N SER A 346 -23.45 12.72 50.68
CA SER A 346 -23.19 11.47 49.95
C SER A 346 -21.72 11.34 49.58
N ALA A 347 -21.05 12.46 49.34
CA ALA A 347 -19.63 12.40 49.03
C ALA A 347 -18.89 11.90 50.26
N LYS A 348 -19.32 12.29 51.47
CA LYS A 348 -18.65 11.81 52.69
C LYS A 348 -18.95 10.32 52.89
N ALA A 349 -20.17 9.92 52.57
CA ALA A 349 -20.56 8.53 52.72
C ALA A 349 -19.71 7.66 51.81
N LEU A 350 -19.51 8.09 50.58
CA LEU A 350 -18.71 7.33 49.63
C LEU A 350 -17.25 7.29 50.09
N ALA A 351 -16.77 8.38 50.69
CA ALA A 351 -15.41 8.44 51.21
C ALA A 351 -15.24 7.34 52.28
N THR A 352 -16.22 7.20 53.15
CA THR A 352 -16.17 6.20 54.21
C THR A 352 -16.05 4.80 53.60
N VAL A 353 -16.84 4.54 52.56
CA VAL A 353 -16.79 3.26 51.89
C VAL A 353 -15.39 3.03 51.30
N THR A 354 -14.90 4.00 50.54
CA THR A 354 -13.62 3.88 49.89
C THR A 354 -12.46 3.60 50.84
N LEU A 355 -12.42 4.35 51.94
CA LEU A 355 -11.34 4.21 52.88
C LEU A 355 -11.47 3.09 53.89
N THR A 356 -12.52 2.29 53.75
CA THR A 356 -12.68 1.17 54.67
C THR A 356 -12.83 -0.16 53.93
N GLN A 357 -12.51 -0.14 52.64
CA GLN A 357 -12.60 -1.36 51.85
C GLN A 357 -11.31 -2.17 51.98
N ARG A 358 -11.42 -3.49 51.80
N ARG A 358 -11.44 -3.47 51.78
CA ARG A 358 -10.24 -4.32 51.88
CA ARG A 358 -10.27 -4.33 51.83
C ARG A 358 -9.54 -4.19 50.54
C ARG A 358 -9.57 -4.12 50.51
N GLY A 359 -8.32 -3.69 50.56
CA GLY A 359 -7.57 -3.46 49.33
C GLY A 359 -6.91 -2.11 49.43
N THR A 360 -6.21 -1.69 48.40
CA THR A 360 -5.51 -0.41 48.39
C THR A 360 -6.42 0.63 47.74
N PRO A 361 -6.87 1.62 48.51
CA PRO A 361 -7.75 2.63 47.95
C PRO A 361 -7.01 3.65 47.11
N PHE A 362 -7.68 4.06 46.02
CA PHE A 362 -7.17 5.08 45.13
C PHE A 362 -8.21 6.20 45.12
N ILE A 363 -7.77 7.42 45.43
CA ILE A 363 -8.67 8.57 45.44
C ILE A 363 -8.39 9.34 44.15
N PHE A 364 -9.41 9.59 43.33
CA PHE A 364 -9.17 10.32 42.09
C PHE A 364 -9.19 11.82 42.40
N GLN A 365 -8.28 12.55 41.82
CA GLN A 365 -8.19 13.99 42.09
C GLN A 365 -9.51 14.69 42.02
N GLY A 366 -9.84 15.40 43.09
CA GLY A 366 -11.08 16.15 43.11
C GLY A 366 -12.18 15.47 43.88
N ASP A 367 -12.11 14.15 44.00
CA ASP A 367 -13.17 13.52 44.74
C ASP A 367 -13.10 13.91 46.21
N GLU A 368 -11.91 14.26 46.70
CA GLU A 368 -11.79 14.66 48.10
C GLU A 368 -12.45 16.03 48.30
N LEU A 369 -12.86 16.67 47.21
CA LEU A 369 -13.55 17.98 47.32
C LEU A 369 -15.04 17.78 47.08
N GLY A 370 -15.40 16.62 46.56
CA GLY A 370 -16.78 16.37 46.23
C GLY A 370 -17.10 16.92 44.85
N MET A 371 -16.12 16.96 43.95
CA MET A 371 -16.35 17.44 42.58
C MET A 371 -17.39 16.55 41.88
N THR A 372 -18.15 17.15 40.98
CA THR A 372 -19.22 16.46 40.28
C THR A 372 -19.03 16.37 38.78
N ASN A 373 -20.00 15.74 38.13
CA ASN A 373 -20.02 15.65 36.69
C ASN A 373 -20.19 17.07 36.18
N TYR A 374 -19.82 17.28 34.93
CA TYR A 374 -19.90 18.58 34.30
C TYR A 374 -21.20 18.68 33.50
N PRO A 375 -21.78 19.90 33.42
CA PRO A 375 -23.03 20.15 32.67
C PRO A 375 -22.79 20.37 31.16
N PHE A 376 -22.50 19.29 30.44
CA PHE A 376 -22.25 19.37 28.99
C PHE A 376 -23.52 19.81 28.28
N LYS A 377 -23.41 20.70 27.30
CA LYS A 377 -24.59 21.21 26.57
C LYS A 377 -24.66 20.78 25.11
N THR A 378 -23.51 20.54 24.50
CA THR A 378 -23.46 20.11 23.10
C THR A 378 -22.39 19.06 22.98
N LEU A 379 -22.40 18.31 21.89
CA LEU A 379 -21.38 17.28 21.71
C LEU A 379 -20.00 17.91 21.57
N GLN A 380 -19.96 19.18 21.18
CA GLN A 380 -18.68 19.88 21.03
C GLN A 380 -18.02 20.22 22.37
N ASP A 381 -18.76 20.08 23.47
CA ASP A 381 -18.20 20.35 24.78
C ASP A 381 -17.30 19.20 25.26
N PHE A 382 -17.32 18.08 24.52
CA PHE A 382 -16.50 16.93 24.86
C PHE A 382 -15.23 16.95 24.04
N ASP A 383 -14.12 16.63 24.67
CA ASP A 383 -12.84 16.57 23.99
C ASP A 383 -12.52 15.11 23.64
N ASP A 384 -13.01 14.22 24.48
CA ASP A 384 -12.71 12.80 24.35
C ASP A 384 -12.93 12.08 23.03
N ILE A 385 -11.88 11.42 22.56
CA ILE A 385 -11.90 10.66 21.33
C ILE A 385 -12.98 9.53 21.40
N GLU A 386 -13.22 9.02 22.61
CA GLU A 386 -14.22 7.97 22.74
C GLU A 386 -15.63 8.45 22.35
N VAL A 387 -15.96 9.69 22.67
CA VAL A 387 -17.26 10.25 22.32
C VAL A 387 -17.37 10.40 20.81
N LYS A 388 -16.28 10.79 20.16
CA LYS A 388 -16.29 10.89 18.70
C LYS A 388 -16.52 9.48 18.13
N GLY A 389 -15.99 8.48 18.82
CA GLY A 389 -16.17 7.10 18.40
C GLY A 389 -17.63 6.66 18.51
N PHE A 390 -18.31 7.05 19.58
CA PHE A 390 -19.73 6.69 19.72
C PHE A 390 -20.52 7.40 18.63
N PHE A 391 -20.13 8.63 18.30
CA PHE A 391 -20.82 9.36 17.26
C PHE A 391 -20.69 8.59 15.94
N GLN A 392 -19.48 8.14 15.66
CA GLN A 392 -19.23 7.41 14.44
C GLN A 392 -20.02 6.10 14.41
N ASP A 393 -20.00 5.37 15.53
CA ASP A 393 -20.67 4.08 15.56
C ASP A 393 -22.18 4.08 15.72
N TYR A 394 -22.71 5.12 16.35
CA TYR A 394 -24.14 5.17 16.61
C TYR A 394 -24.94 6.29 15.97
N VAL A 395 -24.35 7.45 15.77
CA VAL A 395 -25.10 8.53 15.16
C VAL A 395 -25.00 8.52 13.62
N GLU A 396 -23.78 8.37 13.11
CA GLU A 396 -23.60 8.35 11.66
C GLU A 396 -24.22 7.09 11.04
N THR A 397 -24.41 6.06 11.86
CA THR A 397 -25.02 4.82 11.37
C THR A 397 -26.55 4.87 11.53
N GLY A 398 -27.05 5.93 12.13
CA GLY A 398 -28.49 6.07 12.33
C GLY A 398 -29.05 5.28 13.51
N LYS A 399 -28.19 4.69 14.34
CA LYS A 399 -28.69 3.92 15.48
C LYS A 399 -29.28 4.79 16.59
N ALA A 400 -28.77 6.01 16.70
CA ALA A 400 -29.20 6.93 17.72
C ALA A 400 -29.06 8.34 17.17
N THR A 401 -29.77 9.30 17.76
CA THR A 401 -29.66 10.69 17.31
C THR A 401 -28.54 11.35 18.10
N ALA A 402 -28.08 12.50 17.62
CA ALA A 402 -27.02 13.21 18.31
C ALA A 402 -27.54 13.61 19.69
N GLU A 403 -28.81 13.96 19.78
CA GLU A 403 -29.40 14.34 21.05
C GLU A 403 -29.39 13.15 22.02
N GLU A 404 -29.73 11.95 21.54
CA GLU A 404 -29.73 10.79 22.43
C GLU A 404 -28.30 10.51 22.91
N LEU A 405 -27.33 10.67 22.01
CA LEU A 405 -25.95 10.45 22.42
C LEU A 405 -25.58 11.46 23.52
N LEU A 406 -25.90 12.73 23.30
CA LEU A 406 -25.56 13.76 24.27
C LEU A 406 -26.18 13.48 25.62
N THR A 407 -27.48 13.23 25.64
CA THR A 407 -28.19 12.95 26.87
C THR A 407 -27.54 11.85 27.69
N ASN A 408 -27.12 10.80 27.02
CA ASN A 408 -26.54 9.67 27.71
C ASN A 408 -25.06 9.74 28.00
N VAL A 409 -24.29 10.20 27.04
CA VAL A 409 -22.87 10.29 27.26
C VAL A 409 -22.57 11.39 28.30
N ALA A 410 -23.45 12.38 28.44
CA ALA A 410 -23.20 13.42 29.45
C ALA A 410 -23.10 12.78 30.85
N LEU A 411 -23.77 11.66 31.05
CA LEU A 411 -23.75 11.01 32.35
C LEU A 411 -22.60 10.03 32.53
N THR A 412 -22.08 9.51 31.45
CA THR A 412 -21.02 8.51 31.52
C THR A 412 -19.67 8.90 30.93
N SER A 413 -19.59 10.02 30.22
CA SER A 413 -18.33 10.40 29.59
C SER A 413 -17.10 10.54 30.50
N ARG A 414 -15.95 10.16 29.95
CA ARG A 414 -14.67 10.26 30.65
C ARG A 414 -14.35 11.72 30.91
N ASP A 415 -14.83 12.61 30.05
CA ASP A 415 -14.56 14.04 30.26
C ASP A 415 -15.12 14.59 31.57
N ASN A 416 -16.09 13.90 32.15
CA ASN A 416 -16.65 14.32 33.42
C ASN A 416 -15.57 14.29 34.49
N ALA A 417 -14.59 13.41 34.34
CA ALA A 417 -13.55 13.30 35.35
C ALA A 417 -12.34 14.12 34.99
N ARG A 418 -12.37 14.73 33.81
CA ARG A 418 -11.21 15.46 33.35
C ARG A 418 -11.28 16.95 33.40
N THR A 419 -12.34 17.51 33.95
CA THR A 419 -12.40 18.97 34.04
C THR A 419 -11.35 19.43 35.05
N PRO A 420 -10.79 20.63 34.85
CA PRO A 420 -9.77 21.11 35.78
C PRO A 420 -10.07 21.05 37.26
N PHE A 421 -9.05 20.63 38.03
CA PHE A 421 -9.16 20.54 39.48
C PHE A 421 -9.49 21.94 39.96
N GLN A 422 -10.38 22.02 40.93
CA GLN A 422 -10.88 23.29 41.44
C GLN A 422 -10.15 23.72 42.71
N TRP A 423 -9.09 24.49 42.50
CA TRP A 423 -8.22 24.94 43.58
C TRP A 423 -8.81 26.00 44.50
N ASP A 424 -9.43 27.00 43.89
CA ASP A 424 -10.01 28.09 44.67
C ASP A 424 -11.05 28.76 43.81
N ASP A 425 -11.49 29.96 44.20
CA ASP A 425 -12.50 30.62 43.39
C ASP A 425 -11.99 31.75 42.51
N SER A 426 -10.70 31.73 42.16
CA SER A 426 -10.15 32.75 41.28
C SER A 426 -10.51 32.33 39.85
N ALA A 427 -9.95 33.03 38.86
CA ALA A 427 -10.22 32.72 37.47
C ALA A 427 -9.97 31.22 37.20
N ASN A 428 -10.94 30.59 36.56
CA ASN A 428 -10.85 29.17 36.23
C ASN A 428 -10.41 28.32 37.41
N ALA A 429 -10.99 28.63 38.55
CA ALA A 429 -10.74 27.93 39.80
C ALA A 429 -9.28 27.81 40.19
N GLY A 430 -8.44 28.74 39.77
CA GLY A 430 -7.04 28.68 40.14
C GLY A 430 -6.25 27.58 39.44
N PHE A 431 -6.84 26.92 38.46
CA PHE A 431 -6.13 25.86 37.71
C PHE A 431 -5.14 26.48 36.72
N THR A 432 -5.57 27.56 36.06
CA THR A 432 -4.73 28.20 35.06
C THR A 432 -4.99 29.71 34.98
N THR A 433 -4.04 30.43 34.41
CA THR A 433 -4.17 31.87 34.24
C THR A 433 -4.53 32.07 32.77
N GLY A 434 -4.54 30.97 32.02
CA GLY A 434 -4.88 31.02 30.61
C GLY A 434 -6.27 30.45 30.37
N LYS A 435 -6.48 29.85 29.22
CA LYS A 435 -7.78 29.24 28.88
C LYS A 435 -7.63 27.73 29.08
N PRO A 436 -8.38 27.12 30.00
CA PRO A 436 -8.24 25.67 30.20
C PRO A 436 -8.54 24.81 28.97
N TRP A 437 -7.82 23.69 28.85
CA TRP A 437 -7.99 22.84 27.68
C TRP A 437 -9.41 22.27 27.66
N LEU A 438 -10.01 22.16 28.84
CA LEU A 438 -11.37 21.66 29.01
C LEU A 438 -12.02 22.61 30.03
N LYS A 439 -13.24 23.06 29.75
CA LYS A 439 -13.91 24.00 30.66
C LYS A 439 -14.05 23.56 32.11
N VAL A 440 -13.83 24.52 33.01
CA VAL A 440 -13.95 24.28 34.42
C VAL A 440 -15.42 24.22 34.78
N ASN A 441 -15.77 23.36 35.72
CA ASN A 441 -17.17 23.26 36.12
C ASN A 441 -17.55 24.55 36.85
N PRO A 442 -18.67 25.17 36.46
CA PRO A 442 -19.13 26.41 37.10
C PRO A 442 -19.34 26.29 38.61
N ASN A 443 -19.47 25.07 39.12
CA ASN A 443 -19.67 24.94 40.55
C ASN A 443 -18.38 25.14 41.36
N TYR A 444 -17.31 25.56 40.70
CA TYR A 444 -16.06 25.80 41.42
C TYR A 444 -16.23 26.92 42.46
N THR A 445 -17.24 27.77 42.26
CA THR A 445 -17.51 28.86 43.20
C THR A 445 -17.83 28.31 44.59
N GLU A 446 -18.39 27.11 44.67
CA GLU A 446 -18.66 26.56 45.98
C GLU A 446 -17.85 25.30 46.25
N ILE A 447 -17.38 24.65 45.19
CA ILE A 447 -16.56 23.44 45.38
C ILE A 447 -15.12 23.76 44.99
N ASN A 448 -14.27 24.03 45.98
CA ASN A 448 -12.87 24.30 45.66
C ASN A 448 -12.01 24.03 46.90
N ALA A 449 -10.75 23.69 46.67
CA ALA A 449 -9.85 23.32 47.76
C ALA A 449 -9.67 24.40 48.83
N ALA A 450 -9.46 25.62 48.39
CA ALA A 450 -9.24 26.70 49.35
C ALA A 450 -10.41 26.81 50.31
N ARG A 451 -11.61 26.69 49.78
CA ARG A 451 -12.80 26.78 50.61
C ARG A 451 -12.96 25.60 51.56
N GLU A 452 -12.54 24.41 51.16
CA GLU A 452 -12.71 23.26 52.02
C GLU A 452 -11.60 22.99 53.03
N ILE A 453 -10.36 23.35 52.70
CA ILE A 453 -9.26 23.06 53.60
C ILE A 453 -9.41 23.65 55.01
N GLY A 454 -9.90 24.87 55.11
CA GLY A 454 -10.04 25.48 56.42
C GLY A 454 -11.37 25.21 57.12
N ASP A 455 -12.20 24.34 56.54
CA ASP A 455 -13.50 24.04 57.13
C ASP A 455 -13.53 22.60 57.63
N PRO A 456 -13.63 22.41 58.95
CA PRO A 456 -13.67 21.11 59.62
C PRO A 456 -14.82 20.21 59.17
N LYS A 457 -15.86 20.81 58.62
CA LYS A 457 -17.04 20.06 58.17
C LYS A 457 -17.07 19.78 56.67
N SER A 458 -16.01 20.14 55.97
CA SER A 458 -15.96 19.94 54.52
C SER A 458 -15.72 18.48 54.12
N VAL A 459 -15.92 18.21 52.84
CA VAL A 459 -15.69 16.87 52.30
C VAL A 459 -14.19 16.58 52.46
N TYR A 460 -13.37 17.57 52.14
CA TYR A 460 -11.92 17.43 52.24
C TYR A 460 -11.49 17.03 53.66
N SER A 461 -12.00 17.73 54.65
CA SER A 461 -11.63 17.44 56.03
C SER A 461 -12.06 16.04 56.42
N PHE A 462 -13.18 15.58 55.87
CA PHE A 462 -13.67 14.26 56.20
C PHE A 462 -12.72 13.22 55.59
N TYR A 463 -12.33 13.44 54.33
CA TYR A 463 -11.40 12.53 53.66
C TYR A 463 -10.11 12.50 54.49
N ARG A 464 -9.63 13.69 54.82
CA ARG A 464 -8.40 13.77 55.59
C ARG A 464 -8.50 12.98 56.90
N ASN A 465 -9.61 13.11 57.62
CA ASN A 465 -9.77 12.40 58.87
C ASN A 465 -9.90 10.89 58.68
N LEU A 466 -10.55 10.48 57.59
CA LEU A 466 -10.73 9.07 57.30
C LEU A 466 -9.38 8.44 56.99
N ILE A 467 -8.56 9.18 56.26
CA ILE A 467 -7.23 8.68 55.89
C ILE A 467 -6.39 8.49 57.17
N SER A 468 -6.53 9.39 58.15
CA SER A 468 -5.80 9.27 59.41
C SER A 468 -6.25 8.01 60.15
N ILE A 469 -7.56 7.86 60.24
CA ILE A 469 -8.13 6.73 60.90
C ILE A 469 -7.66 5.44 60.23
N ARG A 470 -7.68 5.40 58.90
CA ARG A 470 -7.23 4.20 58.20
C ARG A 470 -5.78 3.88 58.54
N HIS A 471 -4.92 4.90 58.49
CA HIS A 471 -3.50 4.70 58.79
C HIS A 471 -3.26 4.18 60.20
N GLU A 472 -4.11 4.56 61.14
CA GLU A 472 -3.92 4.16 62.52
C GLU A 472 -4.65 2.87 62.88
N THR A 473 -5.45 2.35 61.96
CA THR A 473 -6.21 1.14 62.24
C THR A 473 -5.90 0.02 61.24
N PRO A 474 -5.00 -0.90 61.61
CA PRO A 474 -4.61 -2.03 60.77
C PRO A 474 -5.75 -2.80 60.11
N ALA A 475 -6.77 -3.14 60.90
CA ALA A 475 -7.90 -3.89 60.38
C ALA A 475 -8.56 -3.22 59.18
N LEU A 476 -8.56 -1.89 59.12
CA LEU A 476 -9.20 -1.17 58.02
C LEU A 476 -8.38 -1.21 56.73
N SER A 477 -7.18 -1.74 56.84
CA SER A 477 -6.29 -1.86 55.70
C SER A 477 -6.23 -3.33 55.25
N THR A 478 -5.55 -4.14 56.04
CA THR A 478 -5.37 -5.55 55.73
C THR A 478 -6.33 -6.50 56.41
N GLY A 479 -7.29 -5.96 57.16
CA GLY A 479 -8.23 -6.83 57.83
C GLY A 479 -9.16 -7.54 56.88
N SER A 480 -9.80 -8.59 57.39
CA SER A 480 -10.73 -9.37 56.59
C SER A 480 -11.96 -8.51 56.35
N TYR A 481 -12.78 -8.93 55.39
CA TYR A 481 -13.98 -8.19 55.04
C TYR A 481 -15.18 -9.12 55.05
N ARG A 482 -16.29 -8.65 55.60
CA ARG A 482 -17.50 -9.46 55.60
C ARG A 482 -18.75 -8.58 55.47
N ASP A 483 -19.52 -8.81 54.41
CA ASP A 483 -20.75 -8.06 54.19
C ASP A 483 -21.84 -8.60 55.11
N ILE A 484 -22.38 -7.75 55.97
CA ILE A 484 -23.41 -8.17 56.92
C ILE A 484 -24.68 -8.68 56.23
N ASP A 485 -25.11 -8.03 55.16
CA ASP A 485 -26.32 -8.47 54.48
C ASP A 485 -26.38 -8.04 53.02
N PRO A 486 -25.84 -8.88 52.13
CA PRO A 486 -25.79 -8.65 50.68
C PRO A 486 -27.10 -8.31 49.98
N SER A 487 -28.24 -8.67 50.57
CA SER A 487 -29.52 -8.39 49.91
C SER A 487 -30.11 -7.04 50.27
N ASN A 488 -29.58 -6.39 51.29
CA ASN A 488 -30.08 -5.09 51.75
C ASN A 488 -29.76 -3.99 50.74
N ALA A 489 -30.78 -3.33 50.22
CA ALA A 489 -30.58 -2.27 49.23
C ALA A 489 -30.63 -0.86 49.80
N ASP A 490 -30.64 -0.74 51.13
CA ASP A 490 -30.72 0.57 51.76
C ASP A 490 -29.48 0.98 52.55
N VAL A 491 -29.03 0.09 53.42
CA VAL A 491 -27.89 0.36 54.27
C VAL A 491 -26.77 -0.64 54.04
N TYR A 492 -25.59 -0.11 53.71
CA TYR A 492 -24.42 -0.92 53.44
C TYR A 492 -23.68 -1.07 54.76
N ALA A 493 -23.55 -2.30 55.23
CA ALA A 493 -22.86 -2.52 56.49
C ALA A 493 -21.97 -3.74 56.37
N TYR A 494 -20.75 -3.59 56.90
CA TYR A 494 -19.77 -4.65 56.87
C TYR A 494 -18.77 -4.49 57.99
N THR A 495 -18.03 -5.57 58.24
CA THR A 495 -17.04 -5.56 59.29
C THR A 495 -15.66 -5.74 58.68
N ARG A 496 -14.67 -5.26 59.40
CA ARG A 496 -13.28 -5.40 59.02
C ARG A 496 -12.67 -5.93 60.34
N SER A 497 -11.93 -7.03 60.26
CA SER A 497 -11.36 -7.60 61.47
C SER A 497 -9.93 -8.04 61.31
N GLN A 498 -9.15 -7.90 62.38
CA GLN A 498 -7.77 -8.33 62.34
C GLN A 498 -7.24 -8.45 63.74
N ASP A 499 -6.63 -9.60 64.02
CA ASP A 499 -6.04 -9.86 65.33
C ASP A 499 -6.98 -9.55 66.50
N GLY A 500 -8.19 -10.09 66.42
CA GLY A 500 -9.15 -9.88 67.48
C GLY A 500 -9.87 -8.54 67.53
N GLU A 501 -9.45 -7.60 66.72
CA GLU A 501 -10.11 -6.29 66.70
C GLU A 501 -11.07 -6.25 65.51
N THR A 502 -12.32 -5.88 65.76
CA THR A 502 -13.32 -5.82 64.70
C THR A 502 -13.95 -4.43 64.62
N TYR A 503 -14.15 -3.96 63.39
CA TYR A 503 -14.75 -2.66 63.17
C TYR A 503 -15.95 -2.85 62.29
N LEU A 504 -16.96 -2.03 62.53
CA LEU A 504 -18.20 -2.08 61.77
C LEU A 504 -18.30 -0.79 61.00
N VAL A 505 -18.67 -0.90 59.73
CA VAL A 505 -18.82 0.26 58.88
C VAL A 505 -20.29 0.20 58.47
N VAL A 506 -21.00 1.31 58.65
CA VAL A 506 -22.42 1.35 58.30
C VAL A 506 -22.67 2.60 57.51
N VAL A 507 -23.23 2.47 56.30
CA VAL A 507 -23.47 3.61 55.44
C VAL A 507 -24.88 3.55 54.88
N ASN A 508 -25.65 4.60 55.14
CA ASN A 508 -27.02 4.69 54.64
C ASN A 508 -26.93 5.27 53.24
N PHE A 509 -27.36 4.49 52.25
CA PHE A 509 -27.32 4.97 50.87
C PHE A 509 -28.64 5.63 50.46
N LYS A 510 -29.56 5.80 51.40
CA LYS A 510 -30.85 6.42 51.08
C LYS A 510 -30.93 7.84 51.62
N ALA A 511 -31.63 8.69 50.90
CA ALA A 511 -31.81 10.07 51.33
C ALA A 511 -32.99 10.14 52.31
N GLU A 512 -33.12 9.12 53.14
CA GLU A 512 -34.18 9.06 54.13
C GLU A 512 -33.63 8.33 55.34
N PRO A 513 -34.24 8.53 56.51
CA PRO A 513 -33.78 7.87 57.74
C PRO A 513 -33.97 6.38 57.59
N ARG A 514 -33.04 5.61 58.16
CA ARG A 514 -33.14 4.16 58.12
C ARG A 514 -32.62 3.61 59.43
N SER A 515 -32.92 2.35 59.70
CA SER A 515 -32.46 1.74 60.93
C SER A 515 -31.53 0.58 60.60
N PHE A 516 -30.61 0.29 61.51
CA PHE A 516 -29.70 -0.81 61.31
C PHE A 516 -29.55 -1.57 62.62
N THR A 517 -29.80 -2.88 62.57
CA THR A 517 -29.68 -3.74 63.74
C THR A 517 -28.38 -4.52 63.61
N LEU A 518 -27.48 -4.40 64.58
CA LEU A 518 -26.22 -5.13 64.49
C LEU A 518 -26.48 -6.63 64.55
N PRO A 519 -25.53 -7.43 64.04
CA PRO A 519 -25.69 -8.88 64.05
C PRO A 519 -25.86 -9.38 65.49
N ASP A 520 -26.52 -10.53 65.64
CA ASP A 520 -26.73 -11.09 66.96
C ASP A 520 -25.41 -11.22 67.70
N GLY A 521 -25.38 -10.75 68.94
CA GLY A 521 -24.17 -10.84 69.74
C GLY A 521 -23.23 -9.66 69.58
N MET A 522 -23.35 -8.92 68.49
CA MET A 522 -22.48 -7.79 68.26
C MET A 522 -23.03 -6.51 68.89
N HIS A 523 -22.14 -5.73 69.50
CA HIS A 523 -22.54 -4.48 70.14
C HIS A 523 -21.49 -3.41 69.88
N ILE A 524 -21.93 -2.16 69.81
CA ILE A 524 -21.03 -1.04 69.58
C ILE A 524 -20.12 -0.86 70.78
N ALA A 525 -18.84 -0.63 70.54
CA ALA A 525 -17.90 -0.41 71.62
C ALA A 525 -17.49 1.06 71.60
N GLU A 526 -17.08 1.55 70.45
CA GLU A 526 -16.66 2.95 70.34
C GLU A 526 -16.97 3.47 68.94
N THR A 527 -17.10 4.79 68.82
CA THR A 527 -17.40 5.39 67.53
C THR A 527 -16.16 6.12 67.05
N LEU A 528 -15.61 5.68 65.93
CA LEU A 528 -14.42 6.31 65.39
C LEU A 528 -14.72 7.59 64.64
N ILE A 529 -15.79 7.57 63.85
CA ILE A 529 -16.16 8.74 63.09
C ILE A 529 -17.49 8.50 62.43
N GLU A 530 -18.20 9.58 62.16
CA GLU A 530 -19.51 9.52 61.49
C GLU A 530 -19.66 10.78 60.67
N SER A 531 -20.47 10.72 59.63
CA SER A 531 -20.76 11.88 58.82
C SER A 531 -22.29 11.98 58.81
N SER A 532 -22.80 13.20 58.76
CA SER A 532 -24.24 13.46 58.76
C SER A 532 -24.95 12.84 59.96
N SER A 533 -24.26 12.74 61.09
CA SER A 533 -24.87 12.17 62.30
C SER A 533 -25.04 13.19 63.41
N PRO A 534 -26.23 13.24 64.02
CA PRO A 534 -26.54 14.16 65.13
C PRO A 534 -25.89 13.71 66.44
N ALA A 535 -25.64 12.41 66.57
CA ALA A 535 -25.02 11.89 67.78
C ALA A 535 -24.55 10.45 67.59
N ALA A 536 -23.47 10.10 68.24
CA ALA A 536 -22.94 8.74 68.12
C ALA A 536 -23.77 7.79 68.95
N PRO A 537 -23.74 6.50 68.61
CA PRO A 537 -24.53 5.58 69.42
C PRO A 537 -23.83 5.46 70.77
N ALA A 538 -24.54 4.96 71.78
CA ALA A 538 -23.95 4.81 73.09
C ALA A 538 -23.27 3.45 73.16
N ALA A 539 -22.19 3.37 73.94
CA ALA A 539 -21.49 2.11 74.08
C ALA A 539 -22.51 1.04 74.44
N GLY A 540 -22.38 -0.12 73.82
CA GLY A 540 -23.29 -1.22 74.07
C GLY A 540 -24.45 -1.32 73.10
N ALA A 541 -24.64 -0.31 72.26
CA ALA A 541 -25.75 -0.29 71.30
C ALA A 541 -25.85 -1.54 70.43
N ALA A 542 -27.06 -2.08 70.31
CA ALA A 542 -27.30 -3.26 69.49
C ALA A 542 -27.95 -2.86 68.17
N SER A 543 -28.15 -1.56 67.97
CA SER A 543 -28.74 -1.05 66.73
C SER A 543 -28.40 0.42 66.58
N LEU A 544 -28.63 0.95 65.38
CA LEU A 544 -28.32 2.36 65.06
C LEU A 544 -29.48 2.99 64.28
N GLU A 545 -29.74 4.26 64.54
CA GLU A 545 -30.77 4.99 63.81
C GLU A 545 -29.98 5.89 62.87
N LEU A 546 -30.18 5.72 61.57
CA LEU A 546 -29.41 6.49 60.62
C LEU A 546 -30.10 7.65 59.94
N GLN A 547 -29.40 8.77 59.85
CA GLN A 547 -29.92 9.94 59.15
C GLN A 547 -29.66 9.69 57.66
N PRO A 548 -30.34 10.44 56.79
CA PRO A 548 -30.10 10.26 55.35
C PRO A 548 -28.61 10.34 55.03
N TRP A 549 -28.11 9.42 54.22
CA TRP A 549 -26.71 9.38 53.82
C TRP A 549 -25.66 9.34 54.93
N GLN A 550 -26.09 9.01 56.14
CA GLN A 550 -25.14 8.95 57.27
C GLN A 550 -24.15 7.80 57.11
N SER A 551 -22.91 8.01 57.54
CA SER A 551 -21.92 6.94 57.48
C SER A 551 -21.18 6.95 58.82
N GLY A 552 -20.59 5.81 59.16
CA GLY A 552 -19.84 5.74 60.39
C GLY A 552 -18.98 4.51 60.46
N ILE A 553 -17.94 4.59 61.28
CA ILE A 553 -17.01 3.50 61.50
C ILE A 553 -17.02 3.33 63.02
N TYR A 554 -17.26 2.12 63.48
CA TYR A 554 -17.33 1.81 64.91
C TYR A 554 -16.51 0.58 65.29
N LYS A 555 -15.93 0.60 66.48
CA LYS A 555 -15.18 -0.55 66.97
C LYS A 555 -16.27 -1.32 67.67
N VAL A 556 -16.37 -2.62 67.41
CA VAL A 556 -17.43 -3.40 68.05
C VAL A 556 -16.91 -4.37 69.10
N LYS A 557 -17.86 -4.92 69.86
CA LYS A 557 -17.57 -5.88 70.91
C LYS A 557 -18.64 -6.98 70.89
N LYS B 1 35.51 -11.31 -56.44
CA LYS B 1 34.72 -10.27 -55.73
C LYS B 1 33.92 -10.92 -54.60
N PRO B 2 34.06 -10.39 -53.37
CA PRO B 2 33.32 -10.96 -52.24
C PRO B 2 31.82 -10.94 -52.52
N GLY B 3 31.11 -11.95 -52.04
CA GLY B 3 29.68 -11.98 -52.24
C GLY B 3 28.99 -11.34 -51.05
N ALA B 4 27.85 -10.73 -51.27
CA ALA B 4 27.12 -10.11 -50.17
C ALA B 4 26.43 -11.23 -49.38
N PRO B 5 26.32 -11.05 -48.06
CA PRO B 5 25.68 -12.05 -47.19
C PRO B 5 24.25 -12.35 -47.69
N TRP B 6 23.77 -13.57 -47.44
CA TRP B 6 22.43 -13.95 -47.89
C TRP B 6 21.36 -12.98 -47.41
N TRP B 7 21.54 -12.42 -46.22
CA TRP B 7 20.54 -11.50 -45.70
C TRP B 7 20.46 -10.15 -46.41
N LYS B 8 21.53 -9.71 -47.08
CA LYS B 8 21.43 -8.44 -47.78
C LYS B 8 20.57 -8.54 -49.05
N SER B 9 20.41 -9.76 -49.59
CA SER B 9 19.60 -9.90 -50.80
C SER B 9 18.30 -10.65 -50.57
N ALA B 10 18.02 -10.95 -49.32
CA ALA B 10 16.80 -11.67 -48.97
C ALA B 10 15.58 -10.77 -48.82
N VAL B 11 14.41 -11.37 -48.99
CA VAL B 11 13.15 -10.65 -48.77
C VAL B 11 12.57 -11.37 -47.58
N PHE B 12 12.31 -10.64 -46.51
CA PHE B 12 11.76 -11.23 -45.30
C PHE B 12 10.28 -10.99 -45.23
N TYR B 13 9.60 -11.87 -44.50
CA TYR B 13 8.18 -11.76 -44.27
C TYR B 13 8.00 -11.85 -42.76
N GLN B 14 7.30 -10.88 -42.17
CA GLN B 14 7.09 -10.91 -40.73
C GLN B 14 5.74 -11.54 -40.41
N VAL B 15 5.76 -12.57 -39.57
CA VAL B 15 4.55 -13.26 -39.16
C VAL B 15 4.32 -12.98 -37.70
N TYR B 16 3.10 -12.54 -37.39
CA TYR B 16 2.66 -12.26 -36.03
C TYR B 16 1.81 -13.52 -35.83
N PRO B 17 2.41 -14.59 -35.27
CA PRO B 17 1.74 -15.88 -35.06
C PRO B 17 0.32 -15.82 -34.57
N ARG B 18 0.12 -15.07 -33.50
CA ARG B 18 -1.17 -14.90 -32.87
C ARG B 18 -2.28 -14.61 -33.88
N SER B 19 -1.94 -13.90 -34.94
CA SER B 19 -2.93 -13.52 -35.93
C SER B 19 -2.70 -14.03 -37.33
N PHE B 20 -1.89 -15.05 -37.50
CA PHE B 20 -1.65 -15.56 -38.83
C PHE B 20 -2.64 -16.68 -39.22
N LYS B 21 -2.55 -17.83 -38.56
CA LYS B 21 -3.47 -18.93 -38.88
C LYS B 21 -3.67 -19.84 -37.68
N ASP B 22 -4.94 -19.97 -37.27
CA ASP B 22 -5.32 -20.79 -36.12
C ASP B 22 -5.75 -22.18 -36.63
N THR B 23 -5.34 -23.25 -35.94
CA THR B 23 -5.71 -24.59 -36.38
C THR B 23 -6.47 -25.43 -35.37
N ASN B 24 -6.82 -24.85 -34.24
CA ASN B 24 -7.55 -25.61 -33.25
C ASN B 24 -8.77 -24.87 -32.73
N GLY B 25 -9.19 -23.84 -33.47
CA GLY B 25 -10.38 -23.10 -33.10
C GLY B 25 -10.44 -22.31 -31.80
N ASP B 26 -9.30 -22.00 -31.18
CA ASP B 26 -9.34 -21.23 -29.97
C ASP B 26 -9.26 -19.74 -30.30
N GLY B 27 -9.21 -19.42 -31.60
CA GLY B 27 -9.17 -18.03 -32.02
C GLY B 27 -7.79 -17.36 -32.02
N ILE B 28 -6.75 -18.15 -31.76
CA ILE B 28 -5.39 -17.62 -31.72
C ILE B 28 -4.53 -18.42 -32.67
N GLY B 29 -3.75 -17.71 -33.50
CA GLY B 29 -2.87 -18.37 -34.45
C GLY B 29 -1.85 -19.23 -33.72
N ASP B 30 -1.28 -20.18 -34.42
CA ASP B 30 -0.33 -21.09 -33.77
C ASP B 30 0.73 -21.59 -34.74
N PHE B 31 1.71 -22.33 -34.23
CA PHE B 31 2.80 -22.85 -35.08
C PHE B 31 2.27 -23.75 -36.18
N LYS B 32 1.34 -24.63 -35.84
CA LYS B 32 0.80 -25.51 -36.86
C LYS B 32 0.16 -24.73 -38.00
N GLY B 33 -0.48 -23.60 -37.71
CA GLY B 33 -1.08 -22.82 -38.78
C GLY B 33 -0.03 -22.20 -39.66
N LEU B 34 1.04 -21.71 -39.03
CA LEU B 34 2.12 -21.10 -39.77
C LEU B 34 2.76 -22.18 -40.63
N THR B 35 2.99 -23.35 -40.04
CA THR B 35 3.62 -24.44 -40.77
C THR B 35 2.78 -24.82 -42.00
N GLU B 36 1.47 -24.84 -41.82
CA GLU B 36 0.55 -25.16 -42.91
C GLU B 36 0.58 -24.20 -44.08
N LYS B 37 1.03 -22.98 -43.81
CA LYS B 37 1.09 -21.92 -44.83
C LYS B 37 2.45 -21.61 -45.42
N LEU B 38 3.45 -22.45 -45.17
CA LEU B 38 4.77 -22.22 -45.72
C LEU B 38 4.80 -22.25 -47.25
N ASP B 39 3.93 -23.07 -47.86
CA ASP B 39 3.91 -23.11 -49.31
C ASP B 39 3.39 -21.80 -49.85
N TYR B 40 2.47 -21.20 -49.10
CA TYR B 40 1.92 -19.91 -49.48
C TYR B 40 3.04 -18.89 -49.51
N LEU B 41 3.82 -18.85 -48.43
CA LEU B 41 4.93 -17.90 -48.32
C LEU B 41 6.03 -18.21 -49.32
N LYS B 42 6.34 -19.48 -49.51
CA LYS B 42 7.35 -19.83 -50.49
C LYS B 42 6.90 -19.39 -51.89
N GLY B 43 5.62 -19.57 -52.19
CA GLY B 43 5.12 -19.18 -53.50
C GLY B 43 5.19 -17.69 -53.74
N LEU B 44 5.04 -16.93 -52.67
CA LEU B 44 5.12 -15.49 -52.77
C LEU B 44 6.56 -15.11 -53.11
N GLY B 45 7.51 -15.94 -52.69
CA GLY B 45 8.91 -15.69 -52.97
C GLY B 45 9.75 -15.32 -51.75
N ILE B 46 9.19 -15.54 -50.57
CA ILE B 46 9.85 -15.22 -49.30
C ILE B 46 11.05 -16.09 -49.01
N ASP B 47 12.16 -15.46 -48.62
CA ASP B 47 13.40 -16.18 -48.32
C ASP B 47 13.51 -16.48 -46.84
N ALA B 48 12.95 -15.61 -46.02
CA ALA B 48 13.05 -15.78 -44.59
C ALA B 48 11.88 -15.18 -43.86
N ILE B 49 11.52 -15.80 -42.74
N ILE B 49 11.53 -15.80 -42.74
CA ILE B 49 10.41 -15.35 -41.92
CA ILE B 49 10.41 -15.35 -41.92
C ILE B 49 10.91 -14.86 -40.56
C ILE B 49 10.92 -14.85 -40.57
N TRP B 50 10.34 -13.76 -40.10
CA TRP B 50 10.70 -13.24 -38.78
C TRP B 50 9.39 -13.42 -38.03
N ILE B 51 9.42 -14.20 -36.95
CA ILE B 51 8.23 -14.42 -36.14
C ILE B 51 8.31 -13.65 -34.86
N ASN B 52 7.20 -13.06 -34.46
CA ASN B 52 7.20 -12.31 -33.21
C ASN B 52 7.42 -13.30 -32.07
N PRO B 53 7.67 -12.81 -30.83
CA PRO B 53 7.91 -13.73 -29.70
C PRO B 53 7.06 -14.99 -29.64
N HIS B 54 7.73 -16.13 -29.50
CA HIS B 54 7.04 -17.41 -29.45
C HIS B 54 7.33 -18.16 -28.16
N TYR B 55 7.79 -17.45 -27.13
CA TYR B 55 8.12 -18.07 -25.86
C TYR B 55 7.01 -18.03 -24.85
N ALA B 56 7.17 -18.82 -23.78
CA ALA B 56 6.19 -18.86 -22.68
C ALA B 56 5.93 -17.44 -22.19
N SER B 57 4.66 -17.08 -22.10
CA SER B 57 4.31 -15.72 -21.71
C SER B 57 2.88 -15.56 -21.19
N PRO B 58 2.68 -14.68 -20.19
CA PRO B 58 1.33 -14.45 -19.67
C PRO B 58 0.54 -13.62 -20.71
N ASN B 59 1.26 -13.18 -21.75
CA ASN B 59 0.68 -12.38 -22.82
C ASN B 59 0.06 -11.04 -22.44
N THR B 60 0.65 -10.35 -21.47
CA THR B 60 0.12 -9.03 -21.11
C THR B 60 0.53 -8.07 -22.22
N ASP B 61 1.57 -8.45 -22.98
CA ASP B 61 2.04 -7.65 -24.11
C ASP B 61 2.26 -8.57 -25.31
N ASN B 62 1.33 -9.51 -25.49
CA ASN B 62 1.32 -10.46 -26.59
C ASN B 62 2.68 -11.07 -26.96
N GLY B 63 3.28 -11.74 -26.01
CA GLY B 63 4.56 -12.40 -26.25
C GLY B 63 5.78 -11.65 -25.80
N TYR B 64 5.67 -10.33 -25.68
CA TYR B 64 6.83 -9.55 -25.26
C TYR B 64 7.08 -9.52 -23.76
N ASP B 65 6.28 -10.27 -23.00
CA ASP B 65 6.49 -10.41 -21.55
C ASP B 65 6.75 -11.91 -21.35
N ILE B 66 8.02 -12.28 -21.39
CA ILE B 66 8.42 -13.69 -21.32
C ILE B 66 8.66 -14.25 -19.94
N SER B 67 7.98 -15.36 -19.62
CA SER B 67 8.16 -15.96 -18.31
C SER B 67 9.16 -17.14 -18.29
N ASP B 68 9.53 -17.64 -19.46
CA ASP B 68 10.52 -18.74 -19.55
C ASP B 68 11.06 -18.69 -20.97
N TYR B 69 12.34 -18.36 -21.08
CA TYR B 69 12.97 -18.21 -22.39
C TYR B 69 13.23 -19.48 -23.15
N ARG B 70 13.14 -20.63 -22.49
CA ARG B 70 13.42 -21.88 -23.18
C ARG B 70 12.20 -22.76 -23.39
N GLU B 71 11.02 -22.15 -23.31
CA GLU B 71 9.80 -22.90 -23.53
C GLU B 71 9.00 -22.10 -24.54
N VAL B 72 8.25 -22.79 -25.39
CA VAL B 72 7.44 -22.07 -26.38
C VAL B 72 6.14 -21.65 -25.72
N MET B 73 5.46 -20.68 -26.33
CA MET B 73 4.21 -20.21 -25.77
C MET B 73 3.15 -21.29 -25.92
N LYS B 74 2.42 -21.57 -24.84
CA LYS B 74 1.39 -22.60 -24.82
C LYS B 74 0.37 -22.43 -25.97
N GLU B 75 -0.08 -21.20 -26.20
CA GLU B 75 -1.03 -20.94 -27.26
C GLU B 75 -0.48 -21.28 -28.64
N TYR B 76 0.84 -21.19 -28.83
CA TYR B 76 1.36 -21.46 -30.16
C TYR B 76 1.61 -22.93 -30.42
N GLY B 77 1.73 -23.70 -29.36
CA GLY B 77 1.96 -25.12 -29.51
C GLY B 77 2.99 -25.63 -28.55
N THR B 78 3.75 -26.62 -29.00
CA THR B 78 4.77 -27.26 -28.18
C THR B 78 6.13 -27.10 -28.85
N MET B 79 7.18 -27.47 -28.13
CA MET B 79 8.52 -27.37 -28.68
C MET B 79 8.55 -28.22 -29.95
N GLU B 80 7.83 -29.34 -29.94
CA GLU B 80 7.80 -30.22 -31.09
C GLU B 80 7.23 -29.47 -32.31
N ASP B 81 6.18 -28.69 -32.09
CA ASP B 81 5.58 -27.91 -33.18
C ASP B 81 6.61 -26.91 -33.71
N PHE B 82 7.39 -26.30 -32.81
CA PHE B 82 8.41 -25.34 -33.21
C PHE B 82 9.47 -26.08 -34.03
N ASP B 83 9.90 -27.23 -33.53
CA ASP B 83 10.90 -28.01 -34.24
C ASP B 83 10.41 -28.39 -35.63
N ARG B 84 9.12 -28.73 -35.76
CA ARG B 84 8.57 -29.08 -37.06
C ARG B 84 8.55 -27.84 -37.97
N LEU B 85 8.18 -26.68 -37.41
CA LEU B 85 8.17 -25.47 -38.23
C LEU B 85 9.59 -25.27 -38.80
N MET B 86 10.59 -25.42 -37.94
N MET B 86 10.59 -25.42 -37.94
CA MET B 86 11.97 -25.26 -38.36
CA MET B 86 11.97 -25.25 -38.38
C MET B 86 12.33 -26.23 -39.48
C MET B 86 12.33 -26.23 -39.49
N ALA B 87 11.94 -27.48 -39.32
CA ALA B 87 12.23 -28.51 -40.31
C ALA B 87 11.53 -28.23 -41.64
N GLU B 88 10.28 -27.77 -41.58
CA GLU B 88 9.55 -27.49 -42.82
C GLU B 88 10.12 -26.28 -43.54
N LEU B 89 10.63 -25.30 -42.81
CA LEU B 89 11.22 -24.14 -43.45
C LEU B 89 12.49 -24.57 -44.16
N LYS B 90 13.28 -25.38 -43.46
CA LYS B 90 14.53 -25.85 -44.04
C LYS B 90 14.30 -26.64 -45.32
N LYS B 91 13.27 -27.49 -45.34
CA LYS B 91 12.96 -28.29 -46.52
C LYS B 91 12.73 -27.36 -47.71
N ARG B 92 12.20 -26.19 -47.45
CA ARG B 92 11.93 -25.24 -48.52
C ARG B 92 13.07 -24.24 -48.69
N GLY B 93 14.18 -24.47 -47.99
CA GLY B 93 15.33 -23.58 -48.11
C GLY B 93 15.07 -22.20 -47.54
N MET B 94 14.11 -22.12 -46.63
N MET B 94 14.09 -22.11 -46.65
CA MET B 94 13.76 -20.85 -45.99
CA MET B 94 13.74 -20.85 -46.02
C MET B 94 14.51 -20.73 -44.67
C MET B 94 14.36 -20.79 -44.63
N ARG B 95 14.60 -19.52 -44.14
N ARG B 95 14.63 -19.58 -44.16
CA ARG B 95 15.31 -19.27 -42.89
CA ARG B 95 15.23 -19.41 -42.86
C ARG B 95 14.40 -18.58 -41.87
C ARG B 95 14.29 -18.75 -41.87
N LEU B 96 14.61 -18.88 -40.59
CA LEU B 96 13.80 -18.29 -39.55
C LEU B 96 14.55 -17.31 -38.68
N MET B 97 13.92 -16.17 -38.44
CA MET B 97 14.48 -15.16 -37.56
C MET B 97 13.49 -15.09 -36.41
N VAL B 98 13.98 -15.23 -35.18
CA VAL B 98 13.11 -15.13 -34.03
C VAL B 98 13.33 -13.80 -33.36
N ASP B 99 12.36 -13.43 -32.52
CA ASP B 99 12.40 -12.18 -31.77
C ASP B 99 13.13 -12.46 -30.45
N VAL B 100 14.04 -11.59 -30.07
CA VAL B 100 14.76 -11.78 -28.81
C VAL B 100 14.39 -10.59 -27.94
N VAL B 101 13.80 -10.88 -26.77
CA VAL B 101 13.31 -9.86 -25.87
C VAL B 101 14.04 -9.94 -24.56
N ILE B 102 15.15 -9.22 -24.48
CA ILE B 102 15.96 -9.29 -23.28
C ILE B 102 16.26 -7.97 -22.60
N ASN B 103 15.44 -6.98 -22.93
CA ASN B 103 15.53 -5.70 -22.24
C ASN B 103 14.72 -5.89 -20.93
N HIS B 104 13.73 -6.78 -20.99
CA HIS B 104 12.88 -7.04 -19.83
C HIS B 104 12.32 -8.46 -19.93
N SER B 105 11.78 -8.95 -18.82
CA SER B 105 11.15 -10.26 -18.77
C SER B 105 9.74 -10.05 -18.19
N SER B 106 8.99 -11.14 -18.10
CA SER B 106 7.67 -11.05 -17.47
C SER B 106 7.93 -11.02 -15.96
N ASP B 107 6.99 -10.48 -15.19
CA ASP B 107 7.15 -10.47 -13.75
C ASP B 107 6.83 -11.86 -13.22
N GLN B 108 6.47 -12.77 -14.13
CA GLN B 108 6.17 -14.16 -13.77
C GLN B 108 7.37 -15.05 -14.05
N HIS B 109 8.44 -14.45 -14.58
CA HIS B 109 9.67 -15.21 -14.84
C HIS B 109 10.21 -15.61 -13.48
N GLU B 110 10.78 -16.82 -13.38
CA GLU B 110 11.34 -17.27 -12.09
C GLU B 110 12.39 -16.31 -11.54
N TRP B 111 13.16 -15.65 -12.40
CA TRP B 111 14.17 -14.73 -11.88
C TRP B 111 13.53 -13.57 -11.12
N PHE B 112 12.40 -13.09 -11.61
CA PHE B 112 11.76 -11.96 -10.95
C PHE B 112 11.04 -12.38 -9.68
N LYS B 113 10.42 -13.56 -9.72
CA LYS B 113 9.75 -14.04 -8.53
C LYS B 113 10.79 -14.16 -7.41
N SER B 114 12.01 -14.56 -7.77
CA SER B 114 13.08 -14.69 -6.81
C SER B 114 13.61 -13.32 -6.41
N SER B 115 13.89 -12.51 -7.43
CA SER B 115 14.42 -11.19 -7.21
C SER B 115 13.57 -10.35 -6.26
N ARG B 116 12.26 -10.35 -6.48
CA ARG B 116 11.34 -9.54 -5.68
C ARG B 116 11.11 -10.03 -4.26
N ALA B 117 11.40 -11.30 -3.99
CA ALA B 117 11.15 -11.90 -2.69
C ALA B 117 11.86 -11.32 -1.46
N SER B 118 13.04 -10.72 -1.64
CA SER B 118 13.76 -10.15 -0.52
C SER B 118 14.83 -9.23 -1.06
N LYS B 119 15.46 -8.43 -0.19
CA LYS B 119 16.52 -7.54 -0.63
C LYS B 119 17.84 -8.27 -0.81
N ASP B 120 17.98 -9.42 -0.15
CA ASP B 120 19.22 -10.16 -0.24
C ASP B 120 19.06 -11.59 -0.76
N ASN B 121 19.01 -11.74 -2.07
CA ASN B 121 18.92 -13.03 -2.69
C ASN B 121 19.78 -12.87 -3.94
N PRO B 122 20.32 -13.98 -4.46
CA PRO B 122 21.18 -13.95 -5.65
C PRO B 122 20.56 -13.39 -6.94
N TYR B 123 19.26 -13.19 -6.95
CA TYR B 123 18.59 -12.67 -8.15
C TYR B 123 18.16 -11.22 -7.99
N ARG B 124 18.50 -10.62 -6.86
CA ARG B 124 18.07 -9.25 -6.61
C ARG B 124 18.53 -8.31 -7.70
N ASP B 125 19.80 -8.46 -8.08
CA ASP B 125 20.37 -7.60 -9.10
C ASP B 125 20.14 -8.05 -10.55
N TYR B 126 19.20 -8.96 -10.77
CA TYR B 126 18.88 -9.34 -12.13
C TYR B 126 17.96 -8.25 -12.66
N TYR B 127 17.43 -7.44 -11.75
CA TYR B 127 16.51 -6.34 -12.10
C TYR B 127 16.97 -5.08 -11.39
N PHE B 128 16.27 -3.97 -11.59
CA PHE B 128 16.63 -2.71 -10.95
C PHE B 128 15.69 -2.40 -9.82
N TRP B 129 16.21 -2.44 -8.60
CA TRP B 129 15.44 -2.16 -7.40
C TRP B 129 16.06 -0.94 -6.77
N ARG B 130 15.25 0.09 -6.54
CA ARG B 130 15.75 1.34 -5.98
C ARG B 130 14.78 1.94 -4.95
N ASP B 131 15.32 2.65 -3.98
CA ASP B 131 14.51 3.30 -2.98
C ASP B 131 13.84 4.50 -3.62
N GLY B 132 12.65 4.84 -3.15
CA GLY B 132 11.95 6.00 -3.66
C GLY B 132 12.65 7.24 -3.17
N LYS B 133 12.25 8.39 -3.69
CA LYS B 133 12.87 9.64 -3.30
C LYS B 133 11.76 10.65 -3.03
N ASP B 134 12.02 11.59 -2.13
CA ASP B 134 11.06 12.65 -1.80
C ASP B 134 9.64 12.14 -1.58
N GLY B 135 9.50 10.92 -1.07
CA GLY B 135 8.17 10.40 -0.82
C GLY B 135 7.49 9.65 -1.96
N HIS B 136 8.12 9.59 -3.14
CA HIS B 136 7.53 8.86 -4.25
C HIS B 136 8.56 8.04 -5.03
N GLU B 137 8.37 7.91 -6.34
CA GLU B 137 9.29 7.11 -7.16
C GLU B 137 10.75 7.56 -7.15
N PRO B 138 11.67 6.64 -7.51
CA PRO B 138 13.10 6.96 -7.55
C PRO B 138 13.39 8.20 -8.41
N ASN B 139 12.64 8.36 -9.50
CA ASN B 139 12.81 9.54 -10.35
C ASN B 139 11.58 9.68 -11.20
N ASN B 140 11.60 10.61 -12.15
CA ASN B 140 10.46 10.91 -13.01
C ASN B 140 10.29 10.11 -14.30
N TYR B 141 10.98 8.99 -14.44
CA TYR B 141 10.86 8.19 -15.64
C TYR B 141 9.43 7.74 -15.93
N PRO B 142 8.93 8.00 -17.13
CA PRO B 142 7.57 7.54 -17.43
C PRO B 142 7.68 6.20 -18.18
N SER B 143 6.61 5.41 -18.16
CA SER B 143 6.58 4.15 -18.87
C SER B 143 5.86 4.31 -20.21
N PHE B 144 6.32 3.58 -21.23
CA PHE B 144 5.68 3.60 -22.54
C PHE B 144 4.21 3.16 -22.45
N PHE B 145 3.92 2.31 -21.47
CA PHE B 145 2.58 1.76 -21.32
C PHE B 145 1.73 2.37 -20.21
N GLY B 146 2.07 3.57 -19.78
CA GLY B 146 1.26 4.23 -18.79
C GLY B 146 1.85 4.44 -17.43
N GLY B 147 1.69 5.67 -16.92
CA GLY B 147 2.19 5.98 -15.61
C GLY B 147 3.70 5.94 -15.51
N SER B 148 4.17 5.77 -14.27
CA SER B 148 5.58 5.73 -13.95
C SER B 148 6.27 4.45 -14.39
N ALA B 149 7.57 4.53 -14.66
CA ALA B 149 8.36 3.37 -15.04
C ALA B 149 8.84 2.67 -13.76
N TRP B 150 8.40 3.15 -12.61
CA TRP B 150 8.80 2.55 -11.33
C TRP B 150 7.59 1.99 -10.58
N GLU B 151 7.67 0.73 -10.16
CA GLU B 151 6.58 0.10 -9.44
C GLU B 151 7.01 -0.34 -8.05
N LYS B 152 6.30 0.13 -7.02
CA LYS B 152 6.66 -0.22 -5.65
C LYS B 152 6.28 -1.64 -5.29
N ASP B 153 7.15 -2.30 -4.55
CA ASP B 153 6.86 -3.67 -4.13
C ASP B 153 6.87 -3.64 -2.60
N PRO B 154 5.68 -3.75 -1.97
CA PRO B 154 5.59 -3.72 -0.51
C PRO B 154 6.38 -4.79 0.23
N VAL B 155 6.82 -5.83 -0.46
CA VAL B 155 7.61 -6.86 0.22
C VAL B 155 8.92 -6.27 0.73
N THR B 156 9.56 -5.42 -0.08
CA THR B 156 10.83 -4.80 0.31
C THR B 156 10.74 -3.30 0.41
N GLY B 157 9.64 -2.73 -0.08
CA GLY B 157 9.48 -1.29 -0.04
C GLY B 157 10.22 -0.57 -1.15
N GLN B 158 10.93 -1.32 -2.00
CA GLN B 158 11.64 -0.65 -3.09
C GLN B 158 10.83 -0.71 -4.37
N TYR B 159 11.25 0.09 -5.34
CA TYR B 159 10.59 0.16 -6.64
C TYR B 159 11.43 -0.56 -7.69
N TYR B 160 10.77 -1.22 -8.63
CA TYR B 160 11.48 -1.90 -9.69
C TYR B 160 11.17 -1.15 -10.97
N LEU B 161 12.15 -1.13 -11.87
CA LEU B 161 12.04 -0.43 -13.12
C LEU B 161 11.36 -1.24 -14.21
N HIS B 162 10.50 -0.56 -14.97
CA HIS B 162 9.83 -1.15 -16.11
C HIS B 162 9.55 -0.06 -17.14
N TYR B 163 10.35 0.00 -18.20
CA TYR B 163 10.12 1.00 -19.25
C TYR B 163 8.80 0.69 -19.92
N PHE B 164 8.45 -0.60 -20.01
CA PHE B 164 7.19 -0.94 -20.62
C PHE B 164 6.12 -1.26 -19.58
N GLY B 165 5.42 -2.38 -19.71
CA GLY B 165 4.37 -2.66 -18.74
C GLY B 165 4.86 -2.98 -17.35
N ARG B 166 3.96 -2.82 -16.38
CA ARG B 166 4.31 -3.10 -15.00
C ARG B 166 4.63 -4.58 -14.88
N GLN B 167 4.12 -5.39 -15.80
CA GLN B 167 4.41 -6.82 -15.75
C GLN B 167 5.59 -7.20 -16.64
N GLN B 168 6.41 -6.19 -16.95
CA GLN B 168 7.60 -6.36 -17.78
C GLN B 168 8.81 -5.67 -17.13
N PRO B 169 9.24 -6.16 -15.95
CA PRO B 169 10.39 -5.53 -15.29
C PRO B 169 11.67 -5.60 -16.16
N ASP B 170 12.41 -4.49 -16.21
CA ASP B 170 13.65 -4.45 -16.98
C ASP B 170 14.78 -5.27 -16.40
N LEU B 171 15.47 -6.00 -17.26
CA LEU B 171 16.58 -6.84 -16.84
C LEU B 171 17.81 -5.96 -16.63
N ASN B 172 18.59 -6.27 -15.61
CA ASN B 172 19.76 -5.45 -15.27
C ASN B 172 21.04 -5.94 -15.94
N TRP B 173 21.34 -5.36 -17.10
CA TRP B 173 22.51 -5.73 -17.84
C TRP B 173 23.83 -5.39 -17.15
N ASP B 174 23.80 -4.57 -16.11
CA ASP B 174 25.05 -4.23 -15.40
C ASP B 174 25.51 -5.41 -14.55
N THR B 175 24.69 -6.44 -14.45
CA THR B 175 25.04 -7.61 -13.64
C THR B 175 25.60 -8.71 -14.54
N PRO B 176 26.90 -9.01 -14.41
CA PRO B 176 27.53 -10.03 -15.24
C PRO B 176 26.84 -11.40 -15.27
N LYS B 177 26.37 -11.84 -14.11
CA LYS B 177 25.73 -13.15 -14.03
C LYS B 177 24.45 -13.17 -14.85
N LEU B 178 23.76 -12.04 -14.89
CA LEU B 178 22.52 -11.98 -15.68
C LEU B 178 22.92 -11.99 -17.17
N ARG B 179 23.91 -11.21 -17.56
CA ARG B 179 24.31 -11.21 -18.96
C ARG B 179 24.64 -12.63 -19.39
N GLU B 180 25.40 -13.35 -18.57
CA GLU B 180 25.76 -14.71 -18.90
C GLU B 180 24.54 -15.60 -19.05
N GLU B 181 23.50 -15.37 -18.25
CA GLU B 181 22.29 -16.15 -18.36
C GLU B 181 21.62 -15.90 -19.70
N LEU B 182 21.65 -14.63 -20.13
CA LEU B 182 21.04 -14.28 -21.41
C LEU B 182 21.82 -14.90 -22.54
N TYR B 183 23.15 -14.92 -22.44
CA TYR B 183 23.93 -15.50 -23.53
C TYR B 183 23.67 -17.00 -23.64
N ALA B 184 23.53 -17.67 -22.50
CA ALA B 184 23.29 -19.12 -22.52
C ALA B 184 21.95 -19.39 -23.17
N MET B 185 20.99 -18.50 -22.88
CA MET B 185 19.65 -18.60 -23.42
C MET B 185 19.70 -18.45 -24.94
N LEU B 186 20.42 -17.44 -25.43
CA LEU B 186 20.52 -17.25 -26.86
C LEU B 186 21.16 -18.48 -27.53
N ARG B 187 22.20 -19.01 -26.91
CA ARG B 187 22.88 -20.17 -27.47
C ARG B 187 21.90 -21.32 -27.60
N PHE B 188 21.01 -21.41 -26.63
CA PHE B 188 19.99 -22.46 -26.62
C PHE B 188 19.18 -22.46 -27.91
N TRP B 189 18.80 -21.27 -28.37
CA TRP B 189 18.01 -21.19 -29.60
C TRP B 189 18.85 -21.27 -30.86
N LEU B 190 20.06 -20.73 -30.79
CA LEU B 190 20.95 -20.77 -31.94
C LEU B 190 21.37 -22.22 -32.20
N ASP B 191 21.52 -23.00 -31.13
CA ASP B 191 21.92 -24.40 -31.23
C ASP B 191 20.83 -25.22 -31.92
N LYS B 192 19.62 -24.67 -31.94
CA LYS B 192 18.49 -25.33 -32.58
C LYS B 192 18.47 -25.02 -34.07
N GLY B 193 19.34 -24.12 -34.50
CA GLY B 193 19.39 -23.80 -35.90
C GLY B 193 18.78 -22.48 -36.36
N VAL B 194 18.23 -21.68 -35.45
N VAL B 194 18.28 -21.67 -35.43
CA VAL B 194 17.66 -20.42 -35.88
CA VAL B 194 17.71 -20.38 -35.80
C VAL B 194 18.68 -19.60 -36.67
C VAL B 194 18.71 -19.58 -36.66
N SER B 195 18.23 -18.99 -37.76
CA SER B 195 19.11 -18.23 -38.65
C SER B 195 19.22 -16.74 -38.41
N GLY B 196 18.37 -16.21 -37.53
CA GLY B 196 18.41 -14.79 -37.25
C GLY B 196 17.72 -14.48 -35.95
N MET B 197 18.07 -13.32 -35.40
CA MET B 197 17.47 -12.88 -34.15
C MET B 197 17.27 -11.39 -34.29
N ARG B 198 16.07 -10.93 -33.96
CA ARG B 198 15.73 -9.52 -34.01
C ARG B 198 15.65 -9.12 -32.55
N PHE B 199 16.49 -8.18 -32.16
CA PHE B 199 16.58 -7.74 -30.79
C PHE B 199 15.65 -6.58 -30.45
N ASP B 200 14.63 -6.92 -29.68
CA ASP B 200 13.62 -5.98 -29.22
C ASP B 200 14.23 -4.84 -28.38
N THR B 201 13.87 -3.60 -28.72
CA THR B 201 14.37 -2.39 -28.04
C THR B 201 15.84 -2.56 -27.59
N VAL B 202 16.68 -2.83 -28.59
CA VAL B 202 18.08 -3.10 -28.35
C VAL B 202 18.87 -1.91 -27.85
N ALA B 203 18.34 -0.71 -28.07
CA ALA B 203 19.06 0.48 -27.62
C ALA B 203 18.83 0.86 -26.16
N THR B 204 17.96 0.14 -25.45
CA THR B 204 17.71 0.50 -24.06
C THR B 204 18.35 -0.41 -23.00
N TYR B 205 19.16 -1.37 -23.41
CA TYR B 205 19.78 -2.30 -22.46
C TYR B 205 20.58 -1.66 -21.34
N SER B 206 21.28 -0.57 -21.65
CA SER B 206 22.11 0.11 -20.66
C SER B 206 21.31 1.22 -19.99
N LYS B 207 21.25 1.19 -18.66
CA LYS B 207 20.54 2.20 -17.90
C LYS B 207 21.53 3.27 -17.43
N THR B 208 21.03 4.47 -17.15
CA THR B 208 21.91 5.54 -16.71
C THR B 208 22.18 5.37 -15.22
N PRO B 209 23.48 5.23 -14.86
CA PRO B 209 23.88 5.06 -13.46
C PRO B 209 23.34 6.19 -12.58
N GLY B 210 22.78 5.82 -11.43
CA GLY B 210 22.26 6.82 -10.52
C GLY B 210 20.83 7.24 -10.83
N PHE B 211 20.34 6.85 -12.01
CA PHE B 211 18.97 7.20 -12.40
C PHE B 211 18.56 8.64 -12.11
N PRO B 212 19.29 9.62 -12.64
CA PRO B 212 18.88 11.00 -12.37
C PRO B 212 17.57 11.32 -13.08
N ASP B 213 16.85 12.34 -12.63
CA ASP B 213 15.61 12.69 -13.28
C ASP B 213 15.87 13.12 -14.72
N LEU B 214 14.88 12.96 -15.57
CA LEU B 214 15.00 13.39 -16.94
C LEU B 214 14.71 14.89 -16.89
N THR B 215 15.37 15.67 -17.73
CA THR B 215 15.14 17.11 -17.76
C THR B 215 13.79 17.33 -18.43
N PRO B 216 13.24 18.57 -18.32
CA PRO B 216 11.94 18.87 -18.95
C PRO B 216 11.97 18.48 -20.43
N GLU B 217 13.10 18.75 -21.06
CA GLU B 217 13.30 18.45 -22.47
C GLU B 217 13.29 16.93 -22.73
N GLN B 218 14.20 16.22 -22.08
CA GLN B 218 14.28 14.77 -22.25
C GLN B 218 12.91 14.14 -22.02
N MET B 219 12.15 14.75 -21.13
CA MET B 219 10.83 14.27 -20.76
C MET B 219 9.87 14.29 -21.95
N LYS B 220 10.06 15.23 -22.86
CA LYS B 220 9.21 15.34 -24.04
C LYS B 220 9.47 14.16 -24.98
N ASN B 221 10.70 13.66 -24.97
CA ASN B 221 11.06 12.53 -25.80
C ASN B 221 11.85 11.55 -24.92
N PHE B 222 11.17 10.92 -23.97
CA PHE B 222 11.86 10.02 -23.07
C PHE B 222 12.39 8.78 -23.76
N ALA B 223 11.78 8.41 -24.89
CA ALA B 223 12.24 7.23 -25.62
C ALA B 223 13.71 7.45 -26.00
N GLU B 224 14.04 8.65 -26.44
CA GLU B 224 15.41 8.96 -26.83
C GLU B 224 16.35 8.87 -25.62
N ALA B 225 15.90 9.41 -24.49
CA ALA B 225 16.73 9.37 -23.29
C ALA B 225 17.09 7.95 -22.85
N TYR B 226 16.15 7.02 -22.97
CA TYR B 226 16.41 5.64 -22.56
C TYR B 226 17.43 4.90 -23.44
N THR B 227 17.84 5.50 -24.56
CA THR B 227 18.78 4.85 -25.44
C THR B 227 20.19 5.37 -25.22
N GLN B 228 20.35 6.26 -24.26
CA GLN B 228 21.65 6.87 -24.01
C GLN B 228 22.45 6.28 -22.85
N GLY B 229 22.22 5.00 -22.53
CA GLY B 229 22.99 4.37 -21.46
C GLY B 229 24.45 4.33 -21.85
N PRO B 230 25.37 4.60 -20.91
CA PRO B 230 26.81 4.60 -21.15
C PRO B 230 27.49 3.28 -21.49
N ASN B 231 26.86 2.17 -21.14
CA ASN B 231 27.47 0.88 -21.44
C ASN B 231 26.82 0.08 -22.58
N LEU B 232 25.95 0.74 -23.33
CA LEU B 232 25.23 0.08 -24.38
C LEU B 232 26.11 -0.67 -25.38
N HIS B 233 27.05 0.02 -25.99
CA HIS B 233 27.86 -0.64 -26.99
C HIS B 233 28.81 -1.68 -26.46
N ARG B 234 29.20 -1.50 -25.21
CA ARG B 234 30.07 -2.45 -24.55
C ARG B 234 29.26 -3.76 -24.41
N TYR B 235 28.01 -3.64 -23.99
CA TYR B 235 27.16 -4.82 -23.82
C TYR B 235 26.90 -5.51 -25.16
N LEU B 236 26.59 -4.73 -26.18
CA LEU B 236 26.33 -5.30 -27.49
C LEU B 236 27.56 -6.00 -28.08
N GLN B 237 28.73 -5.39 -27.90
CA GLN B 237 29.95 -5.99 -28.41
C GLN B 237 30.29 -7.25 -27.61
N GLU B 238 29.95 -7.24 -26.32
CA GLU B 238 30.23 -8.42 -25.50
C GLU B 238 29.32 -9.56 -25.94
N MET B 239 28.06 -9.24 -26.19
CA MET B 239 27.13 -10.26 -26.66
C MET B 239 27.62 -10.83 -27.98
N HIS B 240 28.05 -9.97 -28.89
CA HIS B 240 28.54 -10.47 -30.15
C HIS B 240 29.76 -11.39 -29.94
N GLU B 241 30.67 -10.99 -29.06
CA GLU B 241 31.86 -11.80 -28.82
C GLU B 241 31.57 -13.13 -28.18
N LYS B 242 30.66 -13.16 -27.22
CA LYS B 242 30.37 -14.40 -26.53
C LYS B 242 29.34 -15.29 -27.17
N VAL B 243 28.52 -14.72 -28.04
CA VAL B 243 27.50 -15.51 -28.69
C VAL B 243 27.58 -15.57 -30.21
N PHE B 244 27.30 -14.46 -30.86
CA PHE B 244 27.25 -14.44 -32.31
C PHE B 244 28.50 -14.73 -33.11
N ASP B 245 29.66 -14.54 -32.52
CA ASP B 245 30.92 -14.84 -33.21
C ASP B 245 31.04 -16.34 -33.43
N HIS B 246 30.23 -17.13 -32.72
CA HIS B 246 30.29 -18.58 -32.84
C HIS B 246 29.20 -19.18 -33.72
N TYR B 247 28.33 -18.34 -34.27
CA TYR B 247 27.27 -18.86 -35.12
C TYR B 247 27.23 -18.12 -36.43
N ASP B 248 26.32 -18.52 -37.31
CA ASP B 248 26.19 -17.89 -38.61
C ASP B 248 24.83 -17.19 -38.75
N ALA B 249 24.26 -16.77 -37.63
CA ALA B 249 22.96 -16.10 -37.63
C ALA B 249 23.07 -14.61 -37.88
N VAL B 250 22.07 -14.04 -38.56
CA VAL B 250 22.07 -12.60 -38.80
C VAL B 250 21.39 -11.97 -37.59
N THR B 251 21.87 -10.80 -37.19
CA THR B 251 21.30 -10.14 -36.04
C THR B 251 20.80 -8.80 -36.52
N ALA B 252 19.59 -8.43 -36.08
CA ALA B 252 19.00 -7.17 -36.46
C ALA B 252 18.49 -6.50 -35.20
N GLY B 253 18.80 -5.24 -35.01
CA GLY B 253 18.35 -4.59 -33.80
C GLY B 253 17.19 -3.64 -34.04
N GLU B 254 16.23 -3.64 -33.13
CA GLU B 254 15.11 -2.72 -33.21
C GLU B 254 15.68 -1.55 -32.42
N ILE B 255 16.13 -0.53 -33.13
CA ILE B 255 16.72 0.63 -32.49
C ILE B 255 15.67 1.72 -32.29
N PHE B 256 14.72 1.47 -31.42
CA PHE B 256 13.67 2.45 -31.21
C PHE B 256 14.10 3.60 -30.30
N GLY B 257 13.80 4.81 -30.76
CA GLY B 257 14.11 5.99 -29.98
C GLY B 257 15.51 6.58 -30.13
N ALA B 258 16.46 5.82 -30.68
CA ALA B 258 17.82 6.32 -30.83
C ALA B 258 17.96 7.38 -31.92
N PRO B 259 18.76 8.42 -31.68
CA PRO B 259 18.94 9.45 -32.70
C PRO B 259 19.56 8.76 -33.91
N LEU B 260 19.12 9.15 -35.10
CA LEU B 260 19.62 8.51 -36.30
C LEU B 260 21.14 8.51 -36.42
N ASN B 261 21.79 9.60 -36.00
CA ASN B 261 23.25 9.70 -36.11
C ASN B 261 24.03 8.68 -35.29
N GLN B 262 23.35 7.97 -34.38
CA GLN B 262 24.00 6.96 -33.56
C GLN B 262 23.82 5.56 -34.12
N VAL B 263 22.95 5.41 -35.11
CA VAL B 263 22.71 4.09 -35.66
C VAL B 263 23.95 3.39 -36.20
N PRO B 264 24.89 4.14 -36.79
CA PRO B 264 26.10 3.48 -37.31
C PRO B 264 26.87 2.73 -36.23
N LEU B 265 26.74 3.14 -34.97
CA LEU B 265 27.47 2.45 -33.90
C LEU B 265 26.92 1.03 -33.71
N PHE B 266 25.66 0.84 -34.09
CA PHE B 266 25.02 -0.47 -33.95
C PHE B 266 25.26 -1.42 -35.12
N ILE B 267 25.32 -0.86 -36.33
CA ILE B 267 25.42 -1.69 -37.53
C ILE B 267 26.70 -1.68 -38.33
N ASP B 268 27.62 -0.77 -38.04
CA ASP B 268 28.88 -0.77 -38.79
C ASP B 268 29.48 -2.16 -38.57
N SER B 269 29.69 -2.91 -39.65
CA SER B 269 30.20 -4.27 -39.52
C SER B 269 31.53 -4.36 -38.79
N ARG B 270 32.33 -3.31 -38.88
CA ARG B 270 33.63 -3.32 -38.22
C ARG B 270 33.58 -3.27 -36.70
N ARG B 271 32.45 -2.83 -36.16
CA ARG B 271 32.28 -2.70 -34.72
C ARG B 271 31.86 -4.01 -34.08
N LYS B 272 31.50 -4.97 -34.90
CA LYS B 272 31.07 -6.27 -34.38
C LYS B 272 29.97 -6.16 -33.33
N GLU B 273 28.88 -5.51 -33.71
CA GLU B 273 27.71 -5.40 -32.84
C GLU B 273 26.58 -6.10 -33.58
N LEU B 274 25.73 -5.35 -34.29
CA LEU B 274 24.62 -5.98 -35.02
C LEU B 274 24.87 -5.93 -36.53
N ASP B 275 24.17 -6.76 -37.28
CA ASP B 275 24.30 -6.78 -38.74
C ASP B 275 23.42 -5.75 -39.43
N MET B 276 22.19 -5.62 -38.94
CA MET B 276 21.32 -4.65 -39.58
C MET B 276 20.41 -4.02 -38.57
N ALA B 277 19.83 -2.89 -38.95
CA ALA B 277 18.97 -2.20 -38.03
C ALA B 277 17.59 -1.92 -38.57
N PHE B 278 16.63 -1.91 -37.65
CA PHE B 278 15.26 -1.54 -37.95
C PHE B 278 15.25 -0.17 -37.29
N THR B 279 14.97 0.87 -38.05
CA THR B 279 14.89 2.21 -37.44
C THR B 279 13.44 2.63 -37.58
N PHE B 280 13.01 3.60 -36.80
CA PHE B 280 11.61 4.00 -36.86
C PHE B 280 11.40 5.42 -37.31
N ASP B 281 12.48 6.03 -37.81
CA ASP B 281 12.37 7.40 -38.29
C ASP B 281 11.28 7.47 -39.36
N LEU B 282 11.29 6.54 -40.31
CA LEU B 282 10.30 6.56 -41.37
C LEU B 282 8.90 6.15 -40.93
N ILE B 283 8.78 4.99 -40.30
CA ILE B 283 7.45 4.54 -39.91
C ILE B 283 6.75 5.48 -38.92
N ARG B 284 7.52 6.25 -38.14
CA ARG B 284 6.90 7.19 -37.20
C ARG B 284 7.15 8.63 -37.69
N TYR B 285 7.44 8.81 -38.98
CA TYR B 285 7.74 10.14 -39.51
C TYR B 285 6.60 11.14 -39.36
N ASP B 286 5.38 10.62 -39.18
CA ASP B 286 4.21 11.48 -39.03
C ASP B 286 3.50 11.25 -37.72
N ARG B 287 4.22 10.77 -36.73
CA ARG B 287 3.63 10.52 -35.42
C ARG B 287 4.06 11.63 -34.47
N ALA B 288 3.13 12.14 -33.67
CA ALA B 288 3.44 13.16 -32.68
C ALA B 288 4.26 12.51 -31.58
N LEU B 289 4.91 13.33 -30.76
CA LEU B 289 5.71 12.84 -29.65
C LEU B 289 4.92 11.97 -28.67
N ASP B 290 3.62 12.24 -28.50
CA ASP B 290 2.83 11.43 -27.56
C ASP B 290 2.50 10.03 -28.08
N ARG B 291 2.89 9.78 -29.33
CA ARG B 291 2.73 8.49 -30.00
C ARG B 291 1.30 8.08 -30.40
N TRP B 292 0.31 8.92 -30.13
CA TRP B 292 -1.03 8.57 -30.58
C TRP B 292 -1.66 9.57 -31.54
N HIS B 293 -1.11 10.77 -31.65
CA HIS B 293 -1.63 11.71 -32.63
C HIS B 293 -0.75 11.61 -33.87
N THR B 294 -1.27 12.05 -34.99
CA THR B 294 -0.48 12.05 -36.22
C THR B 294 -0.28 13.51 -36.59
N ILE B 295 0.74 13.77 -37.39
CA ILE B 295 1.06 15.11 -37.86
C ILE B 295 1.12 15.01 -39.38
N PRO B 296 0.44 15.90 -40.09
CA PRO B 296 0.47 15.83 -41.55
C PRO B 296 1.89 15.95 -42.12
N ARG B 297 2.25 15.08 -43.05
CA ARG B 297 3.55 15.11 -43.71
C ARG B 297 3.31 14.94 -45.21
N THR B 298 4.32 15.25 -46.01
CA THR B 298 4.22 15.10 -47.46
C THR B 298 5.27 14.11 -47.93
N LEU B 299 5.25 13.81 -49.22
CA LEU B 299 6.23 12.91 -49.83
C LEU B 299 7.63 13.47 -49.62
N ALA B 300 7.76 14.80 -49.62
CA ALA B 300 9.06 15.41 -49.43
C ALA B 300 9.64 14.87 -48.10
N ASP B 301 8.85 14.94 -47.05
CA ASP B 301 9.29 14.45 -45.73
C ASP B 301 9.60 12.95 -45.78
N PHE B 302 8.75 12.22 -46.48
CA PHE B 302 8.91 10.76 -46.63
C PHE B 302 10.24 10.40 -47.28
N ARG B 303 10.51 10.96 -48.46
CA ARG B 303 11.76 10.65 -49.13
C ARG B 303 12.99 11.20 -48.43
N GLN B 304 12.88 12.39 -47.85
CA GLN B 304 14.03 12.97 -47.16
C GLN B 304 14.42 12.11 -45.97
N THR B 305 13.43 11.50 -45.31
CA THR B 305 13.71 10.64 -44.17
C THR B 305 14.40 9.38 -44.66
N ILE B 306 13.91 8.82 -45.76
CA ILE B 306 14.51 7.61 -46.32
C ILE B 306 15.94 7.92 -46.72
N ASP B 307 16.16 9.10 -47.30
CA ASP B 307 17.49 9.48 -47.75
C ASP B 307 18.46 9.53 -46.56
N LYS B 308 18.02 10.15 -45.47
CA LYS B 308 18.84 10.26 -44.26
C LYS B 308 19.17 8.88 -43.70
N VAL B 309 18.19 8.00 -43.67
CA VAL B 309 18.41 6.67 -43.13
C VAL B 309 19.35 5.90 -44.03
N ASP B 310 19.17 5.99 -45.34
CA ASP B 310 20.06 5.29 -46.25
C ASP B 310 21.49 5.78 -46.11
N ALA B 311 21.66 7.08 -45.94
CA ALA B 311 23.00 7.65 -45.79
C ALA B 311 23.72 7.14 -44.56
N ILE B 312 22.96 6.79 -43.53
CA ILE B 312 23.52 6.28 -42.29
C ILE B 312 24.19 4.90 -42.38
N ALA B 313 23.73 4.07 -43.30
CA ALA B 313 24.32 2.74 -43.45
C ALA B 313 25.77 2.81 -43.93
N GLY B 314 26.15 3.95 -44.51
CA GLY B 314 27.51 4.11 -44.99
C GLY B 314 27.94 2.93 -45.85
N GLU B 315 29.22 2.60 -45.79
CA GLU B 315 29.77 1.49 -46.54
C GLU B 315 29.78 0.19 -45.74
N TYR B 316 29.82 0.28 -44.42
CA TYR B 316 29.88 -0.96 -43.62
C TYR B 316 28.64 -1.33 -42.85
N GLY B 317 27.61 -0.51 -42.96
CA GLY B 317 26.36 -0.75 -42.27
C GLY B 317 25.32 -1.30 -43.23
N TRP B 318 24.16 -1.69 -42.70
CA TRP B 318 23.09 -2.22 -43.55
C TRP B 318 21.77 -1.97 -42.86
N ASN B 319 20.76 -1.60 -43.64
CA ASN B 319 19.44 -1.29 -43.09
C ASN B 319 18.42 -2.30 -43.55
N THR B 320 17.34 -2.39 -42.78
CA THR B 320 16.20 -3.22 -43.15
C THR B 320 15.29 -2.12 -43.68
N PHE B 321 14.27 -2.50 -44.43
CA PHE B 321 13.33 -1.50 -44.90
C PHE B 321 11.94 -2.08 -44.69
N PHE B 322 11.04 -1.31 -44.11
CA PHE B 322 9.68 -1.82 -43.91
C PHE B 322 8.72 -0.64 -43.88
N LEU B 323 7.47 -0.88 -44.29
CA LEU B 323 6.47 0.18 -44.26
C LEU B 323 5.43 -0.19 -43.23
N GLY B 324 5.59 -1.37 -42.65
CA GLY B 324 4.67 -1.79 -41.63
C GLY B 324 5.18 -2.90 -40.79
N ASN B 325 4.59 -3.03 -39.60
CA ASN B 325 4.91 -4.10 -38.68
C ASN B 325 3.77 -4.22 -37.67
N HIS B 326 3.97 -5.03 -36.66
CA HIS B 326 2.92 -5.29 -35.67
C HIS B 326 2.67 -4.17 -34.66
N ASP B 327 3.41 -3.07 -34.74
CA ASP B 327 3.22 -1.97 -33.80
C ASP B 327 2.80 -0.71 -34.52
N ASN B 328 2.34 -0.84 -35.75
CA ASN B 328 1.97 0.33 -36.54
C ASN B 328 0.77 0.11 -37.43
N PRO B 329 0.12 1.20 -37.85
CA PRO B 329 -1.04 1.05 -38.72
C PRO B 329 -0.62 0.41 -40.03
N ARG B 330 -1.59 -0.14 -40.75
CA ARG B 330 -1.32 -0.81 -42.00
C ARG B 330 -0.71 0.13 -43.03
N ALA B 331 0.30 -0.38 -43.74
CA ALA B 331 1.02 0.40 -44.74
C ALA B 331 0.13 1.16 -45.72
N VAL B 332 -0.83 0.46 -46.34
CA VAL B 332 -1.67 1.15 -47.31
C VAL B 332 -2.51 2.26 -46.65
N SER B 333 -2.96 2.06 -45.42
CA SER B 333 -3.75 3.10 -44.78
C SER B 333 -2.88 4.28 -44.36
N HIS B 334 -1.66 3.95 -43.96
CA HIS B 334 -0.71 4.93 -43.44
C HIS B 334 0.02 5.74 -44.49
N PHE B 335 0.60 5.05 -45.46
CA PHE B 335 1.36 5.73 -46.51
C PHE B 335 0.65 5.84 -47.85
N GLY B 336 -0.37 5.03 -48.07
CA GLY B 336 -1.07 5.08 -49.34
C GLY B 336 -2.43 5.71 -49.20
N ASP B 337 -3.42 5.23 -49.94
CA ASP B 337 -4.77 5.76 -49.85
C ASP B 337 -5.64 4.51 -49.73
N ASP B 338 -6.23 4.28 -48.57
CA ASP B 338 -6.99 3.06 -48.43
C ASP B 338 -8.44 3.13 -48.85
N ARG B 339 -8.84 4.26 -49.43
CA ARG B 339 -10.21 4.39 -49.92
C ARG B 339 -10.39 3.30 -50.99
N PRO B 340 -11.61 2.75 -51.09
CA PRO B 340 -11.86 1.69 -52.07
C PRO B 340 -11.37 1.89 -53.51
N GLN B 341 -11.47 3.10 -54.04
CA GLN B 341 -11.04 3.27 -55.41
C GLN B 341 -9.53 3.39 -55.59
N TRP B 342 -8.78 3.57 -54.49
CA TRP B 342 -7.33 3.73 -54.57
C TRP B 342 -6.51 2.72 -53.79
N ARG B 343 -7.16 1.93 -52.95
CA ARG B 343 -6.44 0.97 -52.12
C ARG B 343 -5.49 0.09 -52.91
N GLU B 344 -5.98 -0.52 -53.98
CA GLU B 344 -5.15 -1.42 -54.77
C GLU B 344 -4.00 -0.75 -55.49
N ALA B 345 -4.29 0.38 -56.15
CA ALA B 345 -3.26 1.10 -56.85
C ALA B 345 -2.18 1.58 -55.88
N SER B 346 -2.60 2.17 -54.76
CA SER B 346 -1.61 2.66 -53.81
C SER B 346 -0.86 1.51 -53.11
N ALA B 347 -1.52 0.40 -52.84
CA ALA B 347 -0.83 -0.71 -52.20
C ALA B 347 0.25 -1.24 -53.15
N LYS B 348 0.02 -1.19 -54.46
CA LYS B 348 1.04 -1.66 -55.41
C LYS B 348 2.18 -0.65 -55.47
N ALA B 349 1.84 0.62 -55.43
CA ALA B 349 2.85 1.66 -55.48
C ALA B 349 3.79 1.50 -54.28
N LEU B 350 3.22 1.25 -53.10
CA LEU B 350 4.05 1.07 -51.91
C LEU B 350 4.88 -0.22 -52.00
N ALA B 351 4.34 -1.24 -52.64
CA ALA B 351 5.11 -2.49 -52.81
C ALA B 351 6.35 -2.21 -53.66
N THR B 352 6.19 -1.43 -54.73
CA THR B 352 7.30 -1.09 -55.59
C THR B 352 8.36 -0.37 -54.75
N VAL B 353 7.92 0.55 -53.90
CA VAL B 353 8.85 1.26 -53.07
C VAL B 353 9.60 0.29 -52.15
N THR B 354 8.84 -0.53 -51.45
CA THR B 354 9.42 -1.46 -50.50
C THR B 354 10.44 -2.40 -51.10
N LEU B 355 10.12 -2.97 -52.26
CA LEU B 355 11.00 -3.92 -52.88
C LEU B 355 12.12 -3.36 -53.73
N THR B 356 12.27 -2.04 -53.75
CA THR B 356 13.37 -1.48 -54.52
C THR B 356 14.23 -0.57 -53.69
N GLN B 357 14.10 -0.66 -52.37
CA GLN B 357 14.92 0.16 -51.49
C GLN B 357 16.24 -0.56 -51.18
N ARG B 358 17.27 0.21 -50.87
CA ARG B 358 18.55 -0.40 -50.56
C ARG B 358 18.43 -0.82 -49.11
N GLY B 359 18.60 -2.12 -48.88
CA GLY B 359 18.49 -2.65 -47.54
C GLY B 359 17.70 -3.94 -47.68
N THR B 360 17.42 -4.60 -46.57
CA THR B 360 16.67 -5.85 -46.60
C THR B 360 15.21 -5.54 -46.29
N PRO B 361 14.31 -5.74 -47.28
CA PRO B 361 12.89 -5.45 -47.08
C PRO B 361 12.19 -6.51 -46.25
N PHE B 362 11.30 -6.04 -45.39
CA PHE B 362 10.48 -6.91 -44.56
C PHE B 362 9.04 -6.61 -44.94
N ILE B 363 8.30 -7.65 -45.34
CA ILE B 363 6.88 -7.48 -45.68
C ILE B 363 6.06 -7.96 -44.48
N PHE B 364 5.17 -7.13 -43.95
CA PHE B 364 4.38 -7.54 -42.81
C PHE B 364 3.17 -8.33 -43.31
N GLN B 365 2.86 -9.43 -42.63
CA GLN B 365 1.74 -10.26 -43.07
C GLN B 365 0.47 -9.48 -43.42
N GLY B 366 -0.06 -9.74 -44.62
CA GLY B 366 -1.27 -9.05 -45.01
C GLY B 366 -1.06 -7.88 -45.92
N ASP B 367 0.12 -7.29 -45.85
CA ASP B 367 0.37 -6.18 -46.72
C ASP B 367 0.42 -6.60 -48.17
N GLU B 368 0.78 -7.87 -48.43
CA GLU B 368 0.82 -8.35 -49.81
C GLU B 368 -0.59 -8.51 -50.35
N LEU B 369 -1.60 -8.39 -49.49
CA LEU B 369 -2.99 -8.50 -49.93
C LEU B 369 -3.62 -7.12 -50.02
N GLY B 370 -2.94 -6.15 -49.42
CA GLY B 370 -3.48 -4.82 -49.38
C GLY B 370 -4.41 -4.67 -48.19
N MET B 371 -4.15 -5.38 -47.08
CA MET B 371 -5.01 -5.24 -45.90
C MET B 371 -4.93 -3.82 -45.37
N THR B 372 -5.99 -3.38 -44.71
CA THR B 372 -6.08 -2.01 -44.24
C THR B 372 -6.26 -1.93 -42.75
N ASN B 373 -6.36 -0.70 -42.26
CA ASN B 373 -6.63 -0.46 -40.86
C ASN B 373 -8.03 -0.98 -40.58
N TYR B 374 -8.29 -1.26 -39.32
CA TYR B 374 -9.58 -1.77 -38.89
C TYR B 374 -10.49 -0.62 -38.45
N PRO B 375 -11.82 -0.74 -38.66
CA PRO B 375 -12.78 0.30 -38.24
C PRO B 375 -13.20 0.20 -36.76
N PHE B 376 -12.31 0.58 -35.84
CA PHE B 376 -12.63 0.53 -34.42
C PHE B 376 -13.81 1.45 -34.13
N LYS B 377 -14.71 1.02 -33.25
CA LYS B 377 -15.89 1.81 -32.93
C LYS B 377 -15.92 2.30 -31.50
N THR B 378 -15.26 1.56 -30.61
CA THR B 378 -15.19 1.93 -29.21
C THR B 378 -13.82 1.57 -28.67
N LEU B 379 -13.47 2.11 -27.52
CA LEU B 379 -12.18 1.81 -26.94
C LEU B 379 -12.06 0.34 -26.54
N GLN B 380 -13.20 -0.33 -26.41
CA GLN B 380 -13.18 -1.75 -26.05
C GLN B 380 -12.81 -2.64 -27.24
N ASP B 381 -12.87 -2.10 -28.45
CA ASP B 381 -12.49 -2.87 -29.61
C ASP B 381 -10.98 -3.08 -29.68
N PHE B 382 -10.24 -2.38 -28.83
CA PHE B 382 -8.79 -2.51 -28.80
C PHE B 382 -8.40 -3.50 -27.73
N ASP B 383 -7.37 -4.29 -28.01
CA ASP B 383 -6.86 -5.28 -27.05
C ASP B 383 -5.59 -4.74 -26.42
N ASP B 384 -4.85 -3.99 -27.23
CA ASP B 384 -3.55 -3.46 -26.86
C ASP B 384 -3.34 -2.72 -25.53
N ILE B 385 -2.38 -3.22 -24.75
CA ILE B 385 -2.02 -2.62 -23.48
C ILE B 385 -1.58 -1.15 -23.66
N GLU B 386 -0.98 -0.82 -24.80
CA GLU B 386 -0.54 0.57 -25.02
C GLU B 386 -1.72 1.54 -25.08
N VAL B 387 -2.87 1.08 -25.57
CA VAL B 387 -4.08 1.93 -25.64
C VAL B 387 -4.62 2.16 -24.22
N LYS B 388 -4.52 1.14 -23.38
CA LYS B 388 -4.95 1.28 -21.99
C LYS B 388 -4.01 2.28 -21.33
N GLY B 389 -2.75 2.27 -21.74
CA GLY B 389 -1.77 3.19 -21.19
C GLY B 389 -2.13 4.63 -21.57
N PHE B 390 -2.52 4.85 -22.82
CA PHE B 390 -2.93 6.20 -23.26
C PHE B 390 -4.17 6.63 -22.47
N PHE B 391 -5.09 5.70 -22.22
CA PHE B 391 -6.28 6.02 -21.46
C PHE B 391 -5.85 6.48 -20.06
N GLN B 392 -4.95 5.72 -19.45
CA GLN B 392 -4.47 6.08 -18.13
C GLN B 392 -3.77 7.45 -18.13
N ASP B 393 -2.88 7.66 -19.08
CA ASP B 393 -2.11 8.91 -19.09
C ASP B 393 -2.81 10.14 -19.61
N TYR B 394 -3.78 9.95 -20.49
CA TYR B 394 -4.46 11.08 -21.10
C TYR B 394 -5.93 11.28 -20.82
N VAL B 395 -6.66 10.20 -20.60
CA VAL B 395 -8.07 10.32 -20.32
C VAL B 395 -8.35 10.42 -18.83
N GLU B 396 -7.78 9.52 -18.03
CA GLU B 396 -8.00 9.56 -16.59
C GLU B 396 -7.42 10.84 -15.99
N THR B 397 -6.46 11.43 -16.68
CA THR B 397 -5.84 12.65 -16.20
C THR B 397 -6.55 13.89 -16.67
N GLY B 398 -7.57 13.72 -17.52
CA GLY B 398 -8.32 14.84 -18.03
C GLY B 398 -7.69 15.57 -19.21
N LYS B 399 -6.57 15.07 -19.73
CA LYS B 399 -5.92 15.76 -20.85
C LYS B 399 -6.66 15.60 -22.18
N ALA B 400 -7.40 14.52 -22.31
CA ALA B 400 -8.12 14.24 -23.52
C ALA B 400 -9.39 13.49 -23.14
N THR B 401 -10.39 13.54 -24.01
CA THR B 401 -11.63 12.81 -23.73
C THR B 401 -11.48 11.42 -24.34
N ALA B 402 -12.33 10.49 -23.92
CA ALA B 402 -12.26 9.14 -24.48
C ALA B 402 -12.55 9.18 -25.98
N GLU B 403 -13.45 10.05 -26.41
CA GLU B 403 -13.75 10.17 -27.84
C GLU B 403 -12.51 10.65 -28.61
N GLU B 404 -11.77 11.62 -28.05
CA GLU B 404 -10.57 12.11 -28.71
C GLU B 404 -9.53 10.99 -28.81
N LEU B 405 -9.38 10.22 -27.73
CA LEU B 405 -8.41 9.14 -27.78
C LEU B 405 -8.84 8.16 -28.88
N LEU B 406 -10.12 7.81 -28.89
CA LEU B 406 -10.63 6.86 -29.89
C LEU B 406 -10.38 7.31 -31.31
N THR B 407 -10.80 8.54 -31.60
CA THR B 407 -10.63 9.11 -32.93
C THR B 407 -9.22 9.01 -33.42
N ASN B 408 -8.29 9.38 -32.55
CA ASN B 408 -6.89 9.40 -32.92
C ASN B 408 -6.19 8.05 -32.88
N VAL B 409 -6.37 7.31 -31.80
CA VAL B 409 -5.73 6.03 -31.69
C VAL B 409 -6.25 5.05 -32.75
N ALA B 410 -7.46 5.26 -33.27
CA ALA B 410 -7.97 4.36 -34.31
C ALA B 410 -7.05 4.40 -35.55
N LEU B 411 -6.42 5.54 -35.77
CA LEU B 411 -5.53 5.70 -36.92
C LEU B 411 -4.10 5.23 -36.71
N THR B 412 -3.68 5.16 -35.45
CA THR B 412 -2.30 4.82 -35.12
C THR B 412 -2.10 3.52 -34.32
N SER B 413 -3.16 2.99 -33.73
CA SER B 413 -3.03 1.81 -32.89
C SER B 413 -2.34 0.60 -33.51
N ARG B 414 -1.58 -0.09 -32.67
CA ARG B 414 -0.86 -1.30 -33.07
C ARG B 414 -1.87 -2.39 -33.45
N ASP B 415 -3.07 -2.29 -32.89
CA ASP B 415 -4.09 -3.30 -33.19
C ASP B 415 -4.52 -3.30 -34.66
N ASN B 416 -4.29 -2.19 -35.35
CA ASN B 416 -4.62 -2.11 -36.76
C ASN B 416 -3.85 -3.15 -37.56
N ALA B 417 -2.68 -3.52 -37.05
CA ALA B 417 -1.83 -4.48 -37.76
C ALA B 417 -2.05 -5.87 -37.24
N ARG B 418 -2.82 -5.99 -36.15
CA ARG B 418 -2.99 -7.29 -35.53
C ARG B 418 -4.26 -8.03 -35.81
N THR B 419 -5.11 -7.49 -36.68
CA THR B 419 -6.33 -8.22 -36.97
C THR B 419 -5.98 -9.47 -37.77
N PRO B 420 -6.76 -10.55 -37.63
CA PRO B 420 -6.47 -11.79 -38.35
C PRO B 420 -6.20 -11.71 -39.84
N PHE B 421 -5.17 -12.43 -40.27
CA PHE B 421 -4.81 -12.48 -41.68
C PHE B 421 -6.05 -12.96 -42.43
N GLN B 422 -6.33 -12.38 -43.59
CA GLN B 422 -7.54 -12.72 -44.35
C GLN B 422 -7.24 -13.71 -45.46
N TRP B 423 -7.42 -14.98 -45.12
CA TRP B 423 -7.13 -16.11 -46.03
C TRP B 423 -8.13 -16.29 -47.16
N ASP B 424 -9.41 -16.17 -46.84
CA ASP B 424 -10.43 -16.34 -47.87
C ASP B 424 -11.73 -15.71 -47.38
N ASP B 425 -12.83 -15.95 -48.10
CA ASP B 425 -14.08 -15.35 -47.65
C ASP B 425 -14.97 -16.26 -46.81
N SER B 426 -14.38 -17.27 -46.17
CA SER B 426 -15.17 -18.16 -45.30
C SER B 426 -15.31 -17.46 -43.95
N ALA B 427 -15.88 -18.16 -42.97
CA ALA B 427 -16.07 -17.58 -41.66
C ALA B 427 -14.77 -17.05 -41.09
N ASN B 428 -14.84 -15.82 -40.59
N ASN B 428 -14.80 -15.84 -40.55
CA ASN B 428 -13.69 -15.13 -40.03
CA ASN B 428 -13.61 -15.24 -39.96
C ASN B 428 -12.48 -15.20 -40.95
C ASN B 428 -12.44 -15.24 -40.95
N ALA B 429 -12.75 -15.05 -42.23
CA ALA B 429 -11.76 -15.03 -43.28
C ALA B 429 -10.86 -16.25 -43.34
N GLY B 430 -11.33 -17.38 -42.83
CA GLY B 430 -10.51 -18.57 -42.90
C GLY B 430 -9.38 -18.59 -41.88
N PHE B 431 -9.33 -17.59 -41.00
CA PHE B 431 -8.30 -17.54 -39.97
C PHE B 431 -8.58 -18.55 -38.87
N THR B 432 -9.86 -18.68 -38.50
CA THR B 432 -10.20 -19.59 -37.40
C THR B 432 -11.62 -20.11 -37.57
N THR B 433 -11.91 -21.26 -36.97
CA THR B 433 -13.25 -21.80 -37.05
C THR B 433 -13.95 -21.38 -35.76
N GLY B 434 -13.16 -20.86 -34.82
CA GLY B 434 -13.70 -20.41 -33.55
C GLY B 434 -13.91 -18.90 -33.59
N LYS B 435 -13.79 -18.25 -32.43
CA LYS B 435 -13.97 -16.79 -32.35
C LYS B 435 -12.58 -16.15 -32.26
N PRO B 436 -12.18 -15.35 -33.26
CA PRO B 436 -10.87 -14.71 -33.25
C PRO B 436 -10.58 -13.87 -32.00
N TRP B 437 -9.31 -13.87 -31.55
CA TRP B 437 -8.96 -13.12 -30.36
C TRP B 437 -9.15 -11.61 -30.60
N LEU B 438 -9.11 -11.22 -31.86
CA LEU B 438 -9.32 -9.83 -32.25
C LEU B 438 -10.21 -9.94 -33.49
N LYS B 439 -11.22 -9.09 -33.60
CA LYS B 439 -12.13 -9.17 -34.74
C LYS B 439 -11.50 -9.02 -36.10
N VAL B 440 -12.03 -9.77 -37.06
CA VAL B 440 -11.53 -9.73 -38.42
C VAL B 440 -12.14 -8.53 -39.09
N ASN B 441 -11.37 -7.90 -39.97
CA ASN B 441 -11.85 -6.72 -40.69
C ASN B 441 -12.94 -7.14 -41.66
N PRO B 442 -14.09 -6.47 -41.64
CA PRO B 442 -15.20 -6.79 -42.53
C PRO B 442 -14.84 -6.79 -44.02
N ASN B 443 -13.78 -6.08 -44.39
CA ASN B 443 -13.42 -6.05 -45.79
C ASN B 443 -12.79 -7.35 -46.30
N TYR B 444 -12.75 -8.38 -45.45
CA TYR B 444 -12.15 -9.64 -45.87
C TYR B 444 -12.93 -10.22 -47.06
N THR B 445 -14.20 -9.86 -47.18
CA THR B 445 -14.99 -10.34 -48.31
C THR B 445 -14.38 -9.91 -49.64
N GLU B 446 -13.70 -8.76 -49.65
CA GLU B 446 -13.06 -8.25 -50.85
C GLU B 446 -11.54 -8.44 -50.81
N ILE B 447 -10.98 -8.42 -49.61
CA ILE B 447 -9.53 -8.56 -49.43
C ILE B 447 -9.19 -9.87 -48.78
N ASN B 448 -8.74 -10.83 -49.56
CA ASN B 448 -8.37 -12.12 -48.99
C ASN B 448 -7.47 -12.88 -49.94
N ALA B 449 -6.63 -13.74 -49.37
CA ALA B 449 -5.63 -14.48 -50.15
C ALA B 449 -6.19 -15.31 -51.30
N ALA B 450 -7.22 -16.08 -51.02
CA ALA B 450 -7.81 -16.94 -52.05
C ALA B 450 -8.20 -16.13 -53.27
N ARG B 451 -8.90 -15.02 -53.05
CA ARG B 451 -9.34 -14.16 -54.12
C ARG B 451 -8.19 -13.54 -54.92
N GLU B 452 -7.08 -13.23 -54.24
CA GLU B 452 -5.97 -12.59 -54.93
C GLU B 452 -4.96 -13.51 -55.62
N ILE B 453 -4.72 -14.69 -55.06
CA ILE B 453 -3.76 -15.62 -55.65
C ILE B 453 -4.04 -15.90 -57.11
N GLY B 454 -5.31 -16.17 -57.43
CA GLY B 454 -5.65 -16.49 -58.80
C GLY B 454 -5.74 -15.32 -59.78
N ASP B 455 -5.76 -14.09 -59.27
CA ASP B 455 -5.85 -12.92 -60.12
C ASP B 455 -4.51 -12.26 -60.41
N PRO B 456 -4.09 -12.26 -61.69
CA PRO B 456 -2.82 -11.66 -62.16
C PRO B 456 -2.73 -10.16 -61.91
N LYS B 457 -3.88 -9.52 -61.71
CA LYS B 457 -3.91 -8.07 -61.46
C LYS B 457 -4.03 -7.73 -59.97
N SER B 458 -4.00 -8.73 -59.11
CA SER B 458 -4.15 -8.48 -57.66
C SER B 458 -2.90 -7.85 -57.02
N VAL B 459 -3.06 -7.39 -55.78
CA VAL B 459 -1.95 -6.79 -55.05
C VAL B 459 -0.93 -7.90 -54.82
N TYR B 460 -1.43 -9.08 -54.46
CA TYR B 460 -0.58 -10.21 -54.21
C TYR B 460 0.30 -10.57 -55.40
N SER B 461 -0.27 -10.59 -56.60
CA SER B 461 0.48 -10.94 -57.78
C SER B 461 1.53 -9.89 -58.08
N PHE B 462 1.22 -8.65 -57.75
CA PHE B 462 2.19 -7.60 -58.01
C PHE B 462 3.38 -7.77 -57.06
N TYR B 463 3.10 -8.04 -55.79
CA TYR B 463 4.16 -8.25 -54.81
C TYR B 463 5.02 -9.41 -55.30
N ARG B 464 4.36 -10.51 -55.65
CA ARG B 464 5.07 -11.69 -56.14
C ARG B 464 5.98 -11.38 -57.33
N ASN B 465 5.48 -10.58 -58.28
CA ASN B 465 6.25 -10.22 -59.44
C ASN B 465 7.42 -9.30 -59.08
N LEU B 466 7.20 -8.38 -58.14
CA LEU B 466 8.26 -7.48 -57.71
C LEU B 466 9.34 -8.29 -57.01
N ILE B 467 8.92 -9.25 -56.20
CA ILE B 467 9.87 -10.08 -55.46
C ILE B 467 10.73 -10.84 -56.47
N SER B 468 10.14 -11.26 -57.58
CA SER B 468 10.90 -12.01 -58.60
C SER B 468 11.90 -11.10 -59.28
N ILE B 469 11.45 -9.88 -59.58
CA ILE B 469 12.32 -8.92 -60.22
C ILE B 469 13.48 -8.56 -59.29
N ARG B 470 13.18 -8.38 -58.01
N ARG B 470 13.21 -8.35 -58.01
CA ARG B 470 14.20 -8.04 -57.04
CA ARG B 470 14.30 -8.01 -57.09
C ARG B 470 15.26 -9.14 -56.99
C ARG B 470 15.30 -9.16 -57.03
N HIS B 471 14.80 -10.38 -56.91
CA HIS B 471 15.67 -11.53 -56.84
C HIS B 471 16.58 -11.69 -58.06
N GLU B 472 16.10 -11.28 -59.22
CA GLU B 472 16.88 -11.42 -60.44
C GLU B 472 17.70 -10.18 -60.80
N THR B 473 17.55 -9.10 -60.04
CA THR B 473 18.27 -7.86 -60.34
C THR B 473 19.12 -7.42 -59.15
N PRO B 474 20.41 -7.77 -59.14
CA PRO B 474 21.32 -7.41 -58.04
C PRO B 474 21.31 -5.93 -57.62
N ALA B 475 21.25 -5.02 -58.58
CA ALA B 475 21.25 -3.60 -58.23
C ALA B 475 20.10 -3.23 -57.31
N LEU B 476 18.96 -3.92 -57.46
CA LEU B 476 17.79 -3.59 -56.65
C LEU B 476 17.88 -4.01 -55.18
N SER B 477 18.93 -4.73 -54.82
CA SER B 477 19.07 -5.09 -53.42
C SER B 477 20.33 -4.43 -52.88
N THR B 478 21.48 -4.77 -53.44
CA THR B 478 22.74 -4.22 -52.95
C THR B 478 23.28 -3.02 -53.70
N GLY B 479 22.57 -2.58 -54.73
CA GLY B 479 23.04 -1.44 -55.49
C GLY B 479 22.98 -0.14 -54.70
N SER B 480 23.65 0.90 -55.18
CA SER B 480 23.61 2.18 -54.48
C SER B 480 22.22 2.80 -54.67
N TYR B 481 21.93 3.83 -53.89
CA TYR B 481 20.65 4.49 -53.97
C TYR B 481 20.85 5.97 -54.09
N ARG B 482 20.10 6.60 -54.99
CA ARG B 482 20.18 8.04 -55.15
C ARG B 482 18.80 8.63 -55.42
N ASP B 483 18.38 9.56 -54.57
CA ASP B 483 17.10 10.22 -54.71
C ASP B 483 17.24 11.32 -55.78
N ILE B 484 16.44 11.24 -56.85
CA ILE B 484 16.48 12.21 -57.95
C ILE B 484 16.16 13.64 -57.50
N ASP B 485 15.14 13.80 -56.66
CA ASP B 485 14.76 15.15 -56.22
C ASP B 485 14.05 15.16 -54.87
N PRO B 486 14.83 15.32 -53.79
CA PRO B 486 14.38 15.35 -52.39
C PRO B 486 13.24 16.31 -52.05
N SER B 487 13.09 17.39 -52.82
CA SER B 487 12.05 18.37 -52.52
C SER B 487 10.72 18.10 -53.23
N ASN B 488 10.73 17.19 -54.19
CA ASN B 488 9.51 16.88 -54.93
C ASN B 488 8.51 16.14 -54.03
N ALA B 489 7.34 16.73 -53.85
CA ALA B 489 6.32 16.15 -53.00
C ALA B 489 5.21 15.39 -53.76
N ASP B 490 5.40 15.13 -55.05
CA ASP B 490 4.38 14.44 -55.83
C ASP B 490 4.83 13.07 -56.34
N VAL B 491 6.00 13.05 -56.98
CA VAL B 491 6.57 11.84 -57.58
C VAL B 491 7.90 11.44 -56.95
N TYR B 492 7.94 10.22 -56.42
CA TYR B 492 9.15 9.72 -55.78
C TYR B 492 9.94 9.01 -56.84
N ALA B 493 11.15 9.50 -57.10
CA ALA B 493 11.98 8.91 -58.12
C ALA B 493 13.40 8.77 -57.61
N TYR B 494 13.99 7.62 -57.89
CA TYR B 494 15.34 7.33 -57.48
C TYR B 494 15.95 6.25 -58.35
N THR B 495 17.28 6.16 -58.31
CA THR B 495 17.97 5.15 -59.09
C THR B 495 18.67 4.20 -58.17
N ARG B 496 18.91 2.99 -58.68
CA ARG B 496 19.64 1.96 -57.98
C ARG B 496 20.69 1.56 -59.01
N SER B 497 21.95 1.54 -58.63
CA SER B 497 22.99 1.19 -59.60
C SER B 497 24.01 0.22 -59.07
N GLN B 498 24.46 -0.66 -59.95
CA GLN B 498 25.47 -1.61 -59.56
C GLN B 498 26.18 -2.18 -60.79
N ASP B 499 27.50 -2.19 -60.72
CA ASP B 499 28.33 -2.72 -61.80
C ASP B 499 27.86 -2.19 -63.14
N GLY B 500 27.78 -0.87 -63.27
CA GLY B 500 27.38 -0.26 -64.52
C GLY B 500 25.91 -0.30 -64.89
N GLU B 501 25.11 -1.12 -64.20
CA GLU B 501 23.69 -1.20 -64.51
C GLU B 501 22.92 -0.26 -63.59
N THR B 502 22.04 0.56 -64.17
CA THR B 502 21.24 1.51 -63.40
C THR B 502 19.75 1.33 -63.66
N TYR B 503 18.95 1.37 -62.59
CA TYR B 503 17.52 1.22 -62.70
C TYR B 503 16.86 2.45 -62.11
N LEU B 504 15.77 2.88 -62.72
CA LEU B 504 15.04 4.05 -62.25
C LEU B 504 13.73 3.55 -61.68
N VAL B 505 13.35 4.07 -60.52
CA VAL B 505 12.09 3.71 -59.90
C VAL B 505 11.34 5.02 -59.83
N VAL B 506 10.10 5.01 -60.30
CA VAL B 506 9.30 6.23 -60.29
C VAL B 506 7.92 5.87 -59.76
N VAL B 507 7.51 6.56 -58.70
CA VAL B 507 6.22 6.28 -58.08
C VAL B 507 5.43 7.56 -57.84
N ASN B 508 4.26 7.65 -58.45
CA ASN B 508 3.43 8.81 -58.28
C ASN B 508 2.67 8.61 -56.96
N PHE B 509 2.83 9.54 -56.02
CA PHE B 509 2.10 9.42 -54.75
C PHE B 509 0.82 10.25 -54.73
N LYS B 510 0.47 10.84 -55.87
CA LYS B 510 -0.73 11.63 -55.96
C LYS B 510 -1.82 10.86 -56.71
N ALA B 511 -3.06 11.07 -56.31
CA ALA B 511 -4.20 10.43 -56.97
C ALA B 511 -4.57 11.27 -58.18
N GLU B 512 -3.58 11.87 -58.81
CA GLU B 512 -3.80 12.69 -59.99
C GLU B 512 -2.68 12.44 -60.97
N PRO B 513 -2.88 12.76 -62.25
CA PRO B 513 -1.84 12.55 -63.26
C PRO B 513 -0.65 13.45 -62.96
N ARG B 514 0.54 12.96 -63.24
CA ARG B 514 1.75 13.73 -62.99
C ARG B 514 2.78 13.36 -64.03
N SER B 515 3.70 14.26 -64.30
CA SER B 515 4.72 13.93 -65.26
C SER B 515 6.06 13.90 -64.54
N PHE B 516 6.99 13.17 -65.13
CA PHE B 516 8.32 13.05 -64.57
C PHE B 516 9.33 13.23 -65.69
N THR B 517 10.25 14.18 -65.52
CA THR B 517 11.28 14.44 -66.52
C THR B 517 12.58 13.80 -66.01
N LEU B 518 13.09 12.81 -66.73
CA LEU B 518 14.32 12.16 -66.29
C LEU B 518 15.49 13.12 -66.22
N PRO B 519 16.46 12.85 -65.35
CA PRO B 519 17.64 13.70 -65.20
C PRO B 519 18.31 13.87 -66.56
N ASP B 520 19.01 14.99 -66.76
CA ASP B 520 19.67 15.23 -68.04
C ASP B 520 20.62 14.10 -68.40
N GLY B 521 20.59 13.70 -69.67
CA GLY B 521 21.44 12.63 -70.13
C GLY B 521 20.82 11.25 -69.98
N MET B 522 19.91 11.10 -69.03
CA MET B 522 19.28 9.81 -68.80
C MET B 522 18.06 9.56 -69.69
N HIS B 523 17.98 8.35 -70.21
CA HIS B 523 16.87 7.95 -71.07
C HIS B 523 16.48 6.54 -70.69
N ILE B 524 15.20 6.21 -70.88
CA ILE B 524 14.71 4.89 -70.55
C ILE B 524 15.18 3.85 -71.55
N ALA B 525 15.58 2.69 -71.06
CA ALA B 525 16.05 1.64 -71.94
C ALA B 525 15.02 0.55 -72.00
N GLU B 526 14.54 0.13 -70.84
CA GLU B 526 13.55 -0.94 -70.76
C GLU B 526 12.62 -0.71 -69.59
N THR B 527 11.46 -1.34 -69.63
CA THR B 527 10.48 -1.24 -68.57
C THR B 527 10.37 -2.63 -67.95
N LEU B 528 10.69 -2.74 -66.66
CA LEU B 528 10.62 -4.01 -65.98
C LEU B 528 9.23 -4.35 -65.49
N ILE B 529 8.52 -3.34 -64.99
CA ILE B 529 7.19 -3.58 -64.47
C ILE B 529 6.58 -2.23 -64.11
N GLU B 530 5.26 -2.14 -64.22
CA GLU B 530 4.54 -0.91 -63.87
C GLU B 530 3.25 -1.30 -63.22
N SER B 531 2.69 -0.42 -62.40
CA SER B 531 1.40 -0.66 -61.79
C SER B 531 0.54 0.52 -62.19
N SER B 532 -0.74 0.28 -62.45
CA SER B 532 -1.65 1.34 -62.84
C SER B 532 -1.21 2.13 -64.08
N SER B 533 -0.48 1.48 -64.98
CA SER B 533 -0.03 2.16 -66.19
C SER B 533 -0.77 1.61 -67.42
N PRO B 534 -1.14 2.50 -68.35
CA PRO B 534 -1.85 2.11 -69.58
C PRO B 534 -0.86 1.75 -70.68
N ALA B 535 0.38 2.19 -70.53
CA ALA B 535 1.40 1.93 -71.53
C ALA B 535 2.81 2.25 -71.03
N ALA B 536 3.76 1.39 -71.38
CA ALA B 536 5.14 1.60 -70.98
C ALA B 536 5.74 2.68 -71.88
N PRO B 537 6.74 3.41 -71.36
CA PRO B 537 7.32 4.45 -72.21
C PRO B 537 8.09 3.77 -73.35
N ALA B 538 8.44 4.52 -74.37
CA ALA B 538 9.19 3.96 -75.48
C ALA B 538 10.67 4.02 -75.13
N ALA B 539 11.46 3.14 -75.72
CA ALA B 539 12.89 3.15 -75.48
C ALA B 539 13.37 4.53 -75.87
N GLY B 540 14.28 5.08 -75.07
CA GLY B 540 14.79 6.40 -75.36
C GLY B 540 14.01 7.51 -74.69
N ALA B 541 12.89 7.18 -74.05
CA ALA B 541 12.08 8.22 -73.40
C ALA B 541 12.90 9.03 -72.43
N ALA B 542 12.68 10.35 -72.45
CA ALA B 542 13.39 11.26 -71.56
C ALA B 542 12.44 11.80 -70.49
N SER B 543 11.20 11.32 -70.54
CA SER B 543 10.19 11.75 -69.59
C SER B 543 9.12 10.66 -69.53
N LEU B 544 8.27 10.74 -68.51
CA LEU B 544 7.21 9.73 -68.33
C LEU B 544 5.89 10.39 -68.00
N GLU B 545 4.81 9.79 -68.48
CA GLU B 545 3.48 10.28 -68.18
C GLU B 545 2.97 9.35 -67.11
N LEU B 546 2.61 9.91 -65.96
CA LEU B 546 2.16 9.09 -64.86
C LEU B 546 0.69 9.19 -64.51
N GLN B 547 0.06 8.03 -64.39
CA GLN B 547 -1.34 7.93 -63.99
C GLN B 547 -1.37 7.98 -62.47
N PRO B 548 -2.53 8.29 -61.89
CA PRO B 548 -2.63 8.34 -60.43
C PRO B 548 -2.05 7.08 -59.77
N TRP B 549 -1.19 7.27 -58.78
CA TRP B 549 -0.56 6.16 -58.06
C TRP B 549 0.24 5.16 -58.91
N GLN B 550 0.56 5.54 -60.13
CA GLN B 550 1.33 4.66 -60.99
C GLN B 550 2.72 4.46 -60.41
N SER B 551 3.26 3.25 -60.56
CA SER B 551 4.60 2.98 -60.09
C SER B 551 5.29 2.21 -61.21
N GLY B 552 6.62 2.26 -61.23
CA GLY B 552 7.35 1.54 -62.26
C GLY B 552 8.82 1.42 -61.96
N ILE B 553 9.44 0.37 -62.53
CA ILE B 553 10.88 0.12 -62.40
C ILE B 553 11.38 0.03 -63.84
N TYR B 554 12.36 0.87 -64.18
CA TYR B 554 12.91 0.90 -65.54
C TYR B 554 14.43 0.77 -65.54
N LYS B 555 14.96 0.16 -66.60
CA LYS B 555 16.40 0.05 -66.74
C LYS B 555 16.70 1.27 -67.58
N VAL B 556 17.70 2.05 -67.20
CA VAL B 556 18.01 3.25 -67.98
C VAL B 556 19.33 3.12 -68.71
N LYS B 557 19.68 4.19 -69.43
CA LYS B 557 20.91 4.25 -70.20
C LYS B 557 21.35 5.70 -70.32
CA CA C . 1.02 24.14 31.44
C1 NOJ D . -7.23 2.49 29.63
C2 NOJ D . -7.06 3.98 30.09
O2 NOJ D . -7.59 4.15 31.38
C3 NOJ D . -7.78 4.91 29.08
O3 NOJ D . -7.66 6.28 29.46
C4 NOJ D . -7.14 4.71 27.68
O4 NOJ D . -7.80 5.57 26.71
C5 NOJ D . -7.24 3.20 27.28
N5 NOJ D . -6.65 2.32 28.28
C6 NOJ D . -6.52 2.94 25.95
O6 NOJ D . -5.10 3.20 26.25
CA CA E . -4.84 -21.87 -32.04
C1 NOJ F . 9.04 -3.46 -29.31
C2 NOJ F . 7.96 -4.41 -29.92
O2 NOJ F . 7.90 -4.22 -31.32
C3 NOJ F . 6.59 -4.11 -29.25
O3 NOJ F . 5.55 -4.93 -29.78
C4 NOJ F . 6.74 -4.37 -27.71
O4 NOJ F . 5.49 -4.10 -27.05
C5 NOJ F . 7.89 -3.47 -27.15
N5 NOJ F . 9.13 -3.66 -27.85
C6 NOJ F . 8.19 -3.77 -25.65
O6 NOJ F . 8.75 -5.12 -25.64
#